data_7QKS
#
_entry.id   7QKS
#
_cell.length_a   1.00
_cell.length_b   1.00
_cell.length_c   1.00
_cell.angle_alpha   90.00
_cell.angle_beta   90.00
_cell.angle_gamma   90.00
#
_symmetry.space_group_name_H-M   'P 1'
#
loop_
_entity.id
_entity.type
_entity.pdbx_description
1 polymer 'Plasma membrane ATP-binding cassette transporter required for the export of a-factor'
2 non-polymer (3beta,14beta,17beta,25R)-3-[4-methoxy-3-(methoxymethyl)butoxy]spirost-5-en
#
_entity_poly.entity_id   1
_entity_poly.type   'polypeptide(L)'
_entity_poly.pdbx_seq_one_letter_code
;MVKNYDYKDDDDKGLSFFKRKKYSDKESLSSPETLEEKPNDELDPRVTEILERQIKADSYGASLVDLYGMLQGWEYCLAV
AAYICSIVAGAALPLMTLIFGDMAQQFTDYSSGLHSNNQFVDKIDENALYFVYLGVGLLVFNYFATLLHIVVSEIIASRV
REKFIWSILHQNMAYLDSLGSGEITSSITSDSQLIQQGVSEKIGLAAQSIATVVSALTVAFVIYWKLALVLLSVMVALIL
SSTPTILMLMQAYTDSIASYGKASSVAEEAFAAIKTATAFGAHEFQLQKYDEFILESKGYGKKKAISLALMMGSIWFIVF
ATYALAFWQGSRFMVSDNSGIGKILTACMAMLFGSLIIGNATISLKFVMVGLSAASKLFAMINREPYFDSASDAGEKINE
FDGSISFRNVTTRYPSRPDITVLSDFTLDIKPGQTIALVGESGSGKSTVIALLERFYEYLDGEILLDGVDLKSLNIKWVR
QQMALVQQEPVLFAASIYENVCYGLVGSKYENVTEKVKRELVEKACKDANAWEFISQMSNGLDTEVGERGLSLSGGQKQR
IAIARAVISEPKILLLDEATSALDTRSEGIVQDALNRLSETRTTIVIAHRLSTIQNADLIVVLSKGKIVETGSHKELLKK
KGKYHQLVQIQNIRTKINNSGPQAPISLSNSSDLDSVSHKIDRVESLIYERAAADTIDESPVKKQSIPQLFLMLLQINKG
DYYLLIPCLFLALIAGMGFPSFALLAGRVIEAFQVTGPQDFPHMRSLINKYTGFLFMIGCVLLIVYLFLTSFMVLSSESL
VYKMRYRCFKQYLRQDMSFFDRPENKVGTLVTTLAKDPQDIEGLSGGTAAQLAVSVVIVVAGIILAVAVNWRLGLVCTAT
VPILLGCGFFSVYLLMVFEERILKDYQESASYACEQVSALKTVVSLTREVGIYEKYSNSIKDQVKRSARSVSRTTLLYAL
IQGMNPWVFALGFWYGSRLLLEGRATNREFFTVLMAILFGCQSAGEFFSYAPGMGKAKQAAINIRQVLDTRPKSIDIESE
DGLKIDRLNLKGGIELRDVTFRYPTRPEVPVLTDLNLIIKPGQYVGLVGASGCGKSTTVGLIERFYDPESGQVLLDGVDI
RDLHLRTYREVLALVQQEPVLFSGSIRDNIMVGSISDGADDGSEEDMIKACKDANIYDFISSLPEGFDTLCGNKGTMLSG
GQKQRVAIARALIRNPRVLLLDEATSALDSESEMVVQDAIDKASKGRTTITIAHRLSTVQNCDVIYVFDAGRIVESGKHD
ELLQLRGKYYDLVQLQGLNAHHHHHHHHHH
;
_entity_poly.pdbx_strand_id   A
#
loop_
_chem_comp.id
_chem_comp.type
_chem_comp.name
_chem_comp.formula
9Z9 non-polymer (3beta,14beta,17beta,25R)-3-[4-methoxy-3-(methoxymethyl)butoxy]spirost-5-en 'C34 H56 O5'
#
# COMPACT_ATOMS: atom_id res chain seq x y z
N ASP A 44 20.05 32.32 -17.94
CA ASP A 44 19.40 31.04 -18.31
C ASP A 44 20.15 29.85 -17.70
N PRO A 45 21.48 29.67 -17.91
CA PRO A 45 22.20 28.58 -17.26
C PRO A 45 22.08 28.70 -15.73
N ARG A 46 21.80 29.90 -15.22
CA ARG A 46 21.68 30.11 -13.78
C ARG A 46 20.27 29.84 -13.29
N VAL A 47 19.28 30.27 -14.04
CA VAL A 47 17.90 30.06 -13.60
C VAL A 47 17.54 28.58 -13.66
N THR A 48 18.04 27.85 -14.66
CA THR A 48 17.79 26.42 -14.72
C THR A 48 18.51 25.70 -13.59
N GLU A 49 19.73 26.12 -13.27
CA GLU A 49 20.46 25.54 -12.14
C GLU A 49 19.69 25.76 -10.84
N ILE A 50 19.15 26.96 -10.64
CA ILE A 50 18.38 27.25 -9.44
C ILE A 50 17.12 26.38 -9.39
N LEU A 51 16.39 26.33 -10.52
CA LEU A 51 15.13 25.59 -10.54
C LEU A 51 15.35 24.10 -10.39
N GLU A 52 16.53 23.60 -10.74
CA GLU A 52 16.82 22.19 -10.52
C GLU A 52 17.36 21.91 -9.13
N ARG A 53 18.21 22.78 -8.59
CA ARG A 53 18.74 22.56 -7.25
C ARG A 53 17.66 22.75 -6.21
N GLN A 54 16.58 23.46 -6.56
CA GLN A 54 15.42 23.54 -5.68
C GLN A 54 14.74 22.18 -5.53
N ILE A 55 14.72 21.39 -6.60
CA ILE A 55 13.93 20.17 -6.64
C ILE A 55 14.77 18.90 -6.80
N LYS A 56 16.08 19.03 -7.01
CA LYS A 56 16.93 17.87 -7.23
C LYS A 56 16.92 16.94 -6.02
N ALA A 57 16.88 15.64 -6.29
CA ALA A 57 16.88 14.61 -5.27
C ALA A 57 18.01 13.64 -5.56
N ASP A 58 19.07 13.69 -4.75
CA ASP A 58 20.20 12.80 -4.95
C ASP A 58 19.82 11.35 -4.63
N SER A 59 20.61 10.42 -5.17
CA SER A 59 20.44 9.01 -4.89
C SER A 59 21.49 8.54 -3.89
N TYR A 60 21.08 7.60 -3.03
CA TYR A 60 21.93 7.12 -1.95
C TYR A 60 21.95 5.60 -1.95
N GLY A 61 23.09 5.05 -1.51
CA GLY A 61 23.21 3.63 -1.30
C GLY A 61 23.57 3.32 0.14
N ALA A 62 22.64 2.70 0.87
CA ALA A 62 22.80 2.46 2.29
C ALA A 62 23.31 1.05 2.54
N SER A 63 24.27 0.92 3.45
CA SER A 63 24.82 -0.35 3.88
C SER A 63 24.60 -0.51 5.38
N LEU A 64 24.99 -1.67 5.89
CA LEU A 64 24.87 -1.92 7.32
C LEU A 64 25.72 -0.96 8.15
N VAL A 65 26.77 -0.41 7.57
CA VAL A 65 27.60 0.57 8.27
C VAL A 65 26.78 1.81 8.60
N ASP A 66 25.99 2.29 7.64
CA ASP A 66 25.16 3.47 7.88
C ASP A 66 24.13 3.22 8.96
N LEU A 67 23.51 2.03 8.96
CA LEU A 67 22.50 1.72 9.96
C LEU A 67 23.13 1.58 11.35
N TYR A 68 24.26 0.89 11.45
CA TYR A 68 24.90 0.69 12.75
C TYR A 68 25.68 1.92 13.22
N GLY A 69 25.85 2.94 12.36
CA GLY A 69 26.47 4.16 12.81
C GLY A 69 25.61 5.04 13.68
N MET A 70 24.31 4.75 13.78
CA MET A 70 23.44 5.48 14.68
C MET A 70 23.64 5.09 16.14
N LEU A 71 24.37 4.02 16.42
CA LEU A 71 24.70 3.69 17.80
C LEU A 71 25.79 4.64 18.29
N GLN A 72 25.61 5.15 19.51
CA GLN A 72 26.50 6.16 20.05
C GLN A 72 27.09 5.68 21.37
N GLY A 73 28.41 5.66 21.45
CA GLY A 73 29.09 5.38 22.71
C GLY A 73 28.94 3.96 23.21
N TRP A 74 28.34 3.82 24.40
CA TRP A 74 28.21 2.52 25.04
C TRP A 74 27.20 1.61 24.36
N GLU A 75 26.59 2.04 23.26
CA GLU A 75 25.64 1.19 22.54
C GLU A 75 26.29 0.35 21.45
N TYR A 76 27.60 0.51 21.22
CA TYR A 76 28.30 -0.42 20.35
C TYR A 76 28.59 -1.73 21.07
N CYS A 77 28.74 -1.69 22.39
CA CYS A 77 28.90 -2.91 23.17
C CYS A 77 27.63 -3.75 23.09
N LEU A 78 26.46 -3.12 23.01
CA LEU A 78 25.22 -3.88 22.85
C LEU A 78 25.23 -4.67 21.55
N ALA A 79 25.61 -4.02 20.45
CA ALA A 79 25.65 -4.71 19.16
C ALA A 79 26.70 -5.81 19.16
N VAL A 80 27.88 -5.54 19.72
CA VAL A 80 28.94 -6.54 19.77
C VAL A 80 28.50 -7.75 20.58
N ALA A 81 27.88 -7.51 21.75
CA ALA A 81 27.41 -8.60 22.57
C ALA A 81 26.30 -9.39 21.89
N ALA A 82 25.40 -8.69 21.20
CA ALA A 82 24.33 -9.38 20.47
C ALA A 82 24.91 -10.31 19.41
N TYR A 83 25.89 -9.82 18.64
CA TYR A 83 26.45 -10.66 17.59
C TYR A 83 27.26 -11.81 18.18
N ILE A 84 27.97 -11.57 19.29
CA ILE A 84 28.72 -12.65 19.93
C ILE A 84 27.78 -13.72 20.43
N CYS A 85 26.68 -13.32 21.06
CA CYS A 85 25.71 -14.29 21.57
C CYS A 85 25.05 -15.06 20.43
N SER A 86 24.73 -14.39 19.32
CA SER A 86 24.15 -15.08 18.17
C SER A 86 25.12 -16.10 17.60
N ILE A 87 26.39 -15.72 17.45
CA ILE A 87 27.38 -16.63 16.89
C ILE A 87 27.59 -17.82 17.81
N VAL A 88 27.63 -17.58 19.13
CA VAL A 88 27.85 -18.67 20.08
C VAL A 88 26.65 -19.61 20.07
N ALA A 89 25.43 -19.07 20.08
CA ALA A 89 24.24 -19.91 20.10
C ALA A 89 24.02 -20.64 18.78
N GLY A 90 24.63 -20.16 17.70
CA GLY A 90 24.55 -20.87 16.44
C GLY A 90 25.61 -21.95 16.32
N ALA A 91 26.81 -21.66 16.84
CA ALA A 91 27.90 -22.62 16.77
C ALA A 91 27.75 -23.75 17.78
N ALA A 92 27.09 -23.51 18.90
CA ALA A 92 26.92 -24.54 19.92
C ALA A 92 25.81 -25.52 19.58
N LEU A 93 25.07 -25.31 18.51
CA LEU A 93 23.95 -26.17 18.16
C LEU A 93 24.40 -27.48 17.52
N PRO A 94 25.38 -27.49 16.60
CA PRO A 94 25.80 -28.77 16.00
C PRO A 94 26.58 -29.69 16.93
N LEU A 95 26.68 -29.37 18.22
CA LEU A 95 27.32 -30.27 19.16
C LEU A 95 26.40 -31.40 19.60
N MET A 96 25.09 -31.27 19.37
CA MET A 96 24.21 -32.41 19.55
C MET A 96 24.63 -33.57 18.66
N THR A 97 25.22 -33.27 17.50
CA THR A 97 25.72 -34.34 16.64
C THR A 97 26.87 -35.09 17.30
N LEU A 98 27.78 -34.36 17.95
CA LEU A 98 28.87 -35.00 18.68
C LEU A 98 28.33 -35.90 19.79
N ILE A 99 27.44 -35.36 20.62
CA ILE A 99 26.96 -36.12 21.76
C ILE A 99 26.13 -37.32 21.29
N PHE A 100 25.35 -37.13 20.23
CA PHE A 100 24.53 -38.20 19.68
C PHE A 100 25.40 -39.31 19.11
N GLY A 101 26.46 -38.96 18.38
CA GLY A 101 27.37 -39.98 17.88
C GLY A 101 28.04 -40.74 19.00
N ASP A 102 28.47 -40.04 20.05
CA ASP A 102 29.08 -40.74 21.18
C ASP A 102 28.10 -41.69 21.85
N MET A 103 26.85 -41.26 22.00
CA MET A 103 25.86 -42.12 22.66
C MET A 103 25.51 -43.31 21.78
N ALA A 104 25.44 -43.12 20.46
CA ALA A 104 25.23 -44.25 19.56
C ALA A 104 26.38 -45.24 19.66
N GLN A 105 27.62 -44.74 19.73
CA GLN A 105 28.76 -45.64 19.89
C GLN A 105 28.69 -46.39 21.21
N GLN A 106 28.26 -45.72 22.28
CA GLN A 106 28.14 -46.41 23.56
C GLN A 106 27.10 -47.51 23.51
N PHE A 107 25.93 -47.22 22.93
CA PHE A 107 24.89 -48.25 22.80
C PHE A 107 25.38 -49.43 21.96
N THR A 108 26.05 -49.14 20.84
CA THR A 108 26.54 -50.20 19.97
C THR A 108 27.61 -51.04 20.66
N ASP A 109 28.51 -50.39 21.40
CA ASP A 109 29.58 -51.11 22.08
C ASP A 109 29.04 -51.98 23.21
N TYR A 110 28.04 -51.48 23.94
CA TYR A 110 27.45 -52.30 25.00
C TYR A 110 26.68 -53.48 24.43
N SER A 111 25.90 -53.24 23.36
CA SER A 111 25.15 -54.33 22.76
C SER A 111 26.05 -55.41 22.20
N SER A 112 27.29 -55.07 21.87
CA SER A 112 28.29 -56.05 21.48
C SER A 112 29.07 -56.61 22.65
N GLY A 113 28.84 -56.11 23.86
CA GLY A 113 29.48 -56.64 25.04
C GLY A 113 30.94 -56.24 25.23
N LEU A 114 31.32 -55.04 24.82
CA LEU A 114 32.69 -54.58 25.03
C LEU A 114 32.90 -53.85 26.35
N HIS A 115 31.85 -53.57 27.12
CA HIS A 115 32.07 -53.05 28.46
C HIS A 115 30.87 -53.41 29.33
N SER A 116 31.10 -53.32 30.64
CA SER A 116 30.13 -53.77 31.62
C SER A 116 28.98 -52.78 31.74
N ASN A 117 28.02 -53.12 32.63
CA ASN A 117 26.86 -52.25 32.85
C ASN A 117 27.26 -50.94 33.50
N ASN A 118 28.19 -50.98 34.45
CA ASN A 118 28.54 -49.78 35.20
C ASN A 118 29.17 -48.71 34.31
N GLN A 119 30.08 -49.12 33.42
CA GLN A 119 30.68 -48.16 32.50
C GLN A 119 29.66 -47.58 31.54
N PHE A 120 28.74 -48.42 31.08
CA PHE A 120 27.65 -47.96 30.22
C PHE A 120 26.82 -46.90 30.93
N VAL A 121 26.46 -47.15 32.18
CA VAL A 121 25.67 -46.19 32.95
C VAL A 121 26.44 -44.89 33.13
N ASP A 122 27.73 -44.99 33.49
CA ASP A 122 28.52 -43.79 33.72
C ASP A 122 28.60 -42.94 32.45
N LYS A 123 28.91 -43.57 31.32
CA LYS A 123 29.05 -42.82 30.08
C LYS A 123 27.72 -42.23 29.63
N ILE A 124 26.64 -42.98 29.77
CA ILE A 124 25.33 -42.48 29.34
C ILE A 124 24.91 -41.29 30.21
N ASP A 125 25.16 -41.39 31.52
CA ASP A 125 24.82 -40.28 32.44
C ASP A 125 25.62 -39.04 32.08
N GLU A 126 26.93 -39.19 31.84
CA GLU A 126 27.80 -38.03 31.52
C GLU A 126 27.33 -37.38 30.22
N ASN A 127 27.02 -38.19 29.20
CA ASN A 127 26.56 -37.66 27.89
C ASN A 127 25.20 -36.97 28.08
N ALA A 128 24.33 -37.53 28.92
CA ALA A 128 23.01 -36.91 29.19
C ALA A 128 23.22 -35.54 29.85
N LEU A 129 24.19 -35.46 30.78
CA LEU A 129 24.52 -34.15 31.42
C LEU A 129 25.04 -33.18 30.34
N TYR A 130 25.85 -33.67 29.44
CA TYR A 130 26.35 -32.82 28.32
C TYR A 130 25.16 -32.26 27.56
N PHE A 131 24.14 -33.08 27.29
CA PHE A 131 22.93 -32.58 26.65
C PHE A 131 22.26 -31.50 27.50
N VAL A 132 22.16 -31.72 28.80
CA VAL A 132 21.51 -30.75 29.67
C VAL A 132 22.27 -29.43 29.67
N TYR A 133 23.61 -29.49 29.75
CA TYR A 133 24.41 -28.28 29.72
C TYR A 133 24.26 -27.56 28.39
N LEU A 134 24.21 -28.31 27.30
CA LEU A 134 24.00 -27.70 25.99
C LEU A 134 22.66 -27.00 25.91
N GLY A 135 21.62 -27.62 26.46
CA GLY A 135 20.31 -26.98 26.47
C GLY A 135 20.28 -25.70 27.28
N VAL A 136 20.93 -25.72 28.44
CA VAL A 136 20.98 -24.51 29.28
C VAL A 136 21.74 -23.40 28.56
N GLY A 137 22.87 -23.74 27.94
CA GLY A 137 23.63 -22.74 27.20
C GLY A 137 22.85 -22.18 26.03
N LEU A 138 22.14 -23.03 25.30
CA LEU A 138 21.31 -22.56 24.21
C LEU A 138 20.23 -21.61 24.71
N LEU A 139 19.59 -21.95 25.83
CA LEU A 139 18.59 -21.06 26.43
C LEU A 139 19.18 -19.68 26.71
N VAL A 140 20.30 -19.65 27.44
CA VAL A 140 20.87 -18.38 27.88
C VAL A 140 21.29 -17.54 26.68
N PHE A 141 22.03 -18.15 25.75
CA PHE A 141 22.56 -17.37 24.64
C PHE A 141 21.47 -16.96 23.67
N ASN A 142 20.46 -17.79 23.43
CA ASN A 142 19.35 -17.37 22.58
C ASN A 142 18.60 -16.20 23.20
N TYR A 143 18.33 -16.27 24.52
CA TYR A 143 17.67 -15.15 25.18
C TYR A 143 18.45 -13.87 24.99
N PHE A 144 19.73 -13.88 25.36
CA PHE A 144 20.51 -12.62 25.30
C PHE A 144 20.62 -12.14 23.85
N ALA A 145 20.93 -13.03 22.91
CA ALA A 145 21.08 -12.62 21.52
C ALA A 145 19.82 -11.95 21.00
N THR A 146 18.67 -12.58 21.20
CA THR A 146 17.43 -12.01 20.69
C THR A 146 17.10 -10.68 21.36
N LEU A 147 17.25 -10.61 22.70
CA LEU A 147 16.92 -9.39 23.40
C LEU A 147 17.82 -8.24 22.95
N LEU A 148 19.13 -8.49 22.86
CA LEU A 148 20.06 -7.42 22.50
C LEU A 148 19.88 -7.00 21.05
N HIS A 149 19.58 -7.95 20.16
CA HIS A 149 19.33 -7.59 18.77
C HIS A 149 18.10 -6.72 18.64
N ILE A 150 17.03 -7.07 19.37
CA ILE A 150 15.81 -6.26 19.29
C ILE A 150 16.07 -4.86 19.86
N VAL A 151 16.78 -4.77 20.98
CA VAL A 151 17.06 -3.47 21.58
C VAL A 151 17.90 -2.61 20.64
N VAL A 152 18.92 -3.21 20.02
CA VAL A 152 19.78 -2.47 19.09
C VAL A 152 18.96 -1.98 17.90
N SER A 153 18.07 -2.82 17.38
CA SER A 153 17.22 -2.39 16.27
C SER A 153 16.33 -1.22 16.68
N GLU A 154 15.75 -1.28 17.90
CA GLU A 154 14.93 -0.17 18.39
C GLU A 154 15.72 1.12 18.45
N ILE A 155 16.94 1.06 18.99
CA ILE A 155 17.77 2.26 19.09
C ILE A 155 18.08 2.83 17.72
N ILE A 156 18.52 1.96 16.80
CA ILE A 156 18.91 2.41 15.46
C ILE A 156 17.73 3.06 14.75
N ALA A 157 16.56 2.42 14.81
CA ALA A 157 15.42 2.96 14.11
C ALA A 157 14.89 4.23 14.76
N SER A 158 15.01 4.36 16.08
CA SER A 158 14.64 5.62 16.72
C SER A 158 15.53 6.76 16.23
N ARG A 159 16.83 6.51 16.14
CA ARG A 159 17.72 7.53 15.59
C ARG A 159 17.35 7.87 14.15
N VAL A 160 17.06 6.85 13.35
CA VAL A 160 16.71 7.08 11.95
C VAL A 160 15.42 7.89 11.84
N ARG A 161 14.42 7.56 12.66
CA ARG A 161 13.15 8.28 12.63
C ARG A 161 13.34 9.75 13.03
N GLU A 162 14.12 10.00 14.08
CA GLU A 162 14.40 11.37 14.48
C GLU A 162 15.08 12.15 13.37
N LYS A 163 16.10 11.55 12.75
CA LYS A 163 16.81 12.23 11.68
C LYS A 163 15.91 12.51 10.50
N PHE A 164 15.06 11.54 10.13
CA PHE A 164 14.18 11.71 8.99
C PHE A 164 13.16 12.82 9.24
N ILE A 165 12.57 12.87 10.44
CA ILE A 165 11.59 13.90 10.72
C ILE A 165 12.26 15.27 10.76
N TRP A 166 13.45 15.36 11.36
CA TRP A 166 14.15 16.64 11.39
C TRP A 166 14.48 17.12 9.98
N SER A 167 14.83 16.21 9.09
CA SER A 167 15.12 16.60 7.68
C SER A 167 13.83 17.06 6.99
N ILE A 168 12.80 16.22 6.99
CA ILE A 168 11.53 16.55 6.29
C ILE A 168 11.02 17.92 6.77
N LEU A 169 11.05 18.18 8.09
CA LEU A 169 10.46 19.44 8.52
C LEU A 169 11.24 20.66 8.05
N HIS A 170 12.47 20.48 7.56
CA HIS A 170 13.31 21.61 7.18
C HIS A 170 13.63 21.64 5.69
N GLN A 171 13.06 20.76 4.89
CA GLN A 171 13.26 20.81 3.45
C GLN A 171 12.52 21.99 2.86
N ASN A 172 13.05 22.51 1.76
CA ASN A 172 12.36 23.58 1.04
C ASN A 172 11.04 23.05 0.48
N MET A 173 10.07 23.95 0.36
CA MET A 173 8.71 23.51 0.02
C MET A 173 8.58 23.03 -1.42
N ALA A 174 9.48 23.43 -2.30
CA ALA A 174 9.43 22.91 -3.67
C ALA A 174 9.67 21.41 -3.69
N TYR A 175 10.70 20.95 -2.97
CA TYR A 175 10.98 19.52 -2.89
C TYR A 175 9.86 18.78 -2.18
N LEU A 176 9.34 19.35 -1.09
CA LEU A 176 8.28 18.68 -0.34
C LEU A 176 7.01 18.56 -1.19
N ASP A 177 6.69 19.58 -1.97
CA ASP A 177 5.55 19.48 -2.88
C ASP A 177 5.81 18.49 -4.00
N SER A 178 7.08 18.27 -4.35
CA SER A 178 7.41 17.23 -5.36
C SER A 178 7.04 15.84 -4.83
N LEU A 179 7.40 15.53 -3.57
CA LEU A 179 7.12 14.18 -3.02
C LEU A 179 5.63 14.04 -2.77
N GLY A 180 5.00 15.09 -2.22
CA GLY A 180 3.58 14.98 -1.83
C GLY A 180 3.54 14.59 -0.36
N SER A 181 2.37 14.18 0.15
CA SER A 181 2.32 13.68 1.55
C SER A 181 2.48 12.17 1.55
N GLY A 182 1.90 11.47 0.58
CA GLY A 182 1.96 10.00 0.49
C GLY A 182 3.37 9.43 0.54
N GLU A 183 4.35 10.15 0.01
CA GLU A 183 5.73 9.59 -0.05
C GLU A 183 6.34 9.75 1.35
N ILE A 184 6.00 10.85 2.02
CA ILE A 184 6.56 11.10 3.38
C ILE A 184 5.80 10.23 4.41
N THR A 185 4.46 10.21 4.37
CA THR A 185 3.76 9.42 5.38
C THR A 185 4.11 7.95 5.27
N SER A 186 4.24 7.44 4.05
CA SER A 186 4.66 6.04 3.87
C SER A 186 6.07 5.82 4.41
N SER A 187 6.99 6.75 4.13
CA SER A 187 8.34 6.63 4.64
C SER A 187 8.37 6.69 6.16
N ILE A 188 7.47 7.45 6.78
CA ILE A 188 7.43 7.57 8.26
C ILE A 188 6.90 6.26 8.86
N THR A 189 5.81 5.71 8.31
CA THR A 189 5.17 4.52 8.94
C THR A 189 5.72 3.16 8.49
N SER A 190 5.70 2.85 7.19
CA SER A 190 6.13 1.50 6.74
C SER A 190 7.53 1.43 6.13
N ASP A 191 8.37 2.46 6.27
CA ASP A 191 9.76 2.32 5.76
C ASP A 191 10.72 2.29 6.95
N SER A 192 10.24 2.64 8.14
CA SER A 192 11.08 2.56 9.37
C SER A 192 10.93 1.15 9.94
N GLN A 193 9.74 0.56 9.85
CA GLN A 193 9.51 -0.83 10.23
C GLN A 193 10.43 -1.78 9.46
N LEU A 194 10.57 -1.55 8.15
CA LEU A 194 11.49 -2.36 7.37
C LEU A 194 12.92 -2.19 7.85
N ILE A 195 13.29 -0.96 8.23
CA ILE A 195 14.64 -0.72 8.72
C ILE A 195 14.87 -1.43 10.05
N GLN A 196 13.85 -1.48 10.92
CA GLN A 196 13.98 -2.30 12.11
C GLN A 196 14.17 -3.76 11.75
N GLN A 197 13.29 -4.31 10.92
CA GLN A 197 13.37 -5.72 10.57
C GLN A 197 14.71 -6.07 9.95
N GLY A 198 15.33 -5.13 9.24
CA GLY A 198 16.67 -5.39 8.71
C GLY A 198 17.70 -5.60 9.79
N VAL A 199 17.62 -4.85 10.89
CA VAL A 199 18.59 -4.94 11.97
C VAL A 199 17.98 -5.58 13.21
N SER A 200 16.78 -6.13 13.11
CA SER A 200 16.13 -6.79 14.23
C SER A 200 16.70 -8.19 14.43
N GLU A 201 16.01 -9.02 15.20
CA GLU A 201 16.45 -10.39 15.40
C GLU A 201 16.59 -11.18 14.11
N LYS A 202 16.09 -10.65 12.99
CA LYS A 202 16.28 -11.33 11.70
C LYS A 202 17.75 -11.42 11.32
N ILE A 203 18.48 -10.31 11.46
CA ILE A 203 19.91 -10.34 11.16
C ILE A 203 20.65 -11.21 12.17
N GLY A 204 20.15 -11.25 13.42
CA GLY A 204 20.73 -12.17 14.38
C GLY A 204 20.54 -13.62 13.99
N LEU A 205 19.36 -13.96 13.47
CA LEU A 205 19.12 -15.32 13.00
C LEU A 205 19.95 -15.64 11.77
N ALA A 206 20.16 -14.66 10.89
CA ALA A 206 21.03 -14.89 9.73
C ALA A 206 22.46 -15.19 10.16
N ALA A 207 22.99 -14.38 11.09
CA ALA A 207 24.33 -14.63 11.61
C ALA A 207 24.40 -15.97 12.33
N GLN A 208 23.35 -16.28 13.10
CA GLN A 208 23.29 -17.59 13.83
C GLN A 208 23.35 -18.73 12.82
N SER A 209 22.57 -18.62 11.75
CA SER A 209 22.52 -19.72 10.78
C SER A 209 23.84 -19.88 10.05
N ILE A 210 24.51 -18.77 9.72
CA ILE A 210 25.84 -18.88 9.11
C ILE A 210 26.81 -19.52 10.07
N ALA A 211 26.70 -19.20 11.36
CA ALA A 211 27.57 -19.84 12.38
C ALA A 211 27.25 -21.34 12.46
N THR A 212 25.97 -21.71 12.39
CA THR A 212 25.56 -23.13 12.47
C THR A 212 26.16 -23.91 11.28
N VAL A 213 26.12 -23.32 10.09
CA VAL A 213 26.73 -23.97 8.89
C VAL A 213 28.23 -24.13 9.16
N VAL A 214 28.91 -23.07 9.56
CA VAL A 214 30.36 -23.15 9.72
C VAL A 214 30.72 -24.18 10.79
N SER A 215 30.00 -24.17 11.91
CA SER A 215 30.31 -25.10 13.00
C SER A 215 29.99 -26.54 12.61
N ALA A 216 28.91 -26.76 11.84
CA ALA A 216 28.57 -28.11 11.42
C ALA A 216 29.62 -28.66 10.46
N LEU A 217 30.07 -27.85 9.50
CA LEU A 217 31.15 -28.30 8.62
C LEU A 217 32.43 -28.55 9.41
N THR A 218 32.75 -27.69 10.38
CA THR A 218 33.94 -27.89 11.18
C THR A 218 33.87 -29.19 11.97
N VAL A 219 32.72 -29.48 12.57
CA VAL A 219 32.53 -30.73 13.30
C VAL A 219 32.74 -31.92 12.35
N ALA A 220 32.04 -31.90 11.22
CA ALA A 220 32.12 -33.03 10.31
C ALA A 220 33.54 -33.26 9.82
N PHE A 221 34.31 -32.19 9.60
CA PHE A 221 35.67 -32.41 9.04
C PHE A 221 36.61 -32.94 10.12
N VAL A 222 36.57 -32.37 11.33
CA VAL A 222 37.53 -32.78 12.40
C VAL A 222 37.30 -34.26 12.74
N ILE A 223 36.06 -34.65 13.00
CA ILE A 223 35.75 -36.04 13.46
C ILE A 223 36.10 -37.07 12.38
N TYR A 224 35.76 -36.83 11.11
CA TYR A 224 35.98 -37.84 10.04
C TYR A 224 36.12 -37.13 8.71
N TRP A 225 37.33 -36.70 8.34
CA TRP A 225 37.48 -35.88 7.10
C TRP A 225 37.27 -36.73 5.83
N LYS A 226 37.63 -38.01 5.90
CA LYS A 226 37.48 -38.91 4.74
C LYS A 226 36.01 -38.93 4.34
N LEU A 227 35.11 -39.24 5.27
CA LEU A 227 33.69 -39.29 4.94
C LEU A 227 33.10 -37.90 4.83
N ALA A 228 33.59 -36.95 5.62
CA ALA A 228 33.11 -35.57 5.48
C ALA A 228 33.43 -35.02 4.11
N LEU A 229 34.64 -35.28 3.60
CA LEU A 229 35.00 -34.82 2.26
C LEU A 229 34.15 -35.51 1.20
N VAL A 230 33.94 -36.82 1.34
CA VAL A 230 33.12 -37.53 0.35
C VAL A 230 31.70 -36.97 0.33
N LEU A 231 31.10 -36.83 1.51
CA LEU A 231 29.72 -36.32 1.60
C LEU A 231 29.63 -34.89 1.08
N LEU A 232 30.60 -34.04 1.44
CA LEU A 232 30.58 -32.66 0.97
C LEU A 232 30.69 -32.59 -0.54
N SER A 233 31.58 -33.39 -1.13
CA SER A 233 31.72 -33.39 -2.57
C SER A 233 30.43 -33.83 -3.26
N VAL A 234 29.85 -34.92 -2.77
CA VAL A 234 28.62 -35.46 -3.41
C VAL A 234 27.48 -34.44 -3.26
N MET A 235 27.33 -33.85 -2.08
CA MET A 235 26.21 -32.89 -1.85
C MET A 235 26.42 -31.64 -2.69
N VAL A 236 27.65 -31.12 -2.77
CA VAL A 236 27.89 -29.96 -3.61
C VAL A 236 27.63 -30.28 -5.07
N ALA A 237 27.97 -31.50 -5.52
CA ALA A 237 27.67 -31.89 -6.89
C ALA A 237 26.17 -31.98 -7.12
N LEU A 238 25.41 -32.44 -6.12
CA LEU A 238 23.97 -32.53 -6.26
C LEU A 238 23.26 -31.20 -6.02
N ILE A 239 23.94 -30.21 -5.46
CA ILE A 239 23.36 -28.89 -5.30
C ILE A 239 23.63 -28.01 -6.50
N LEU A 240 24.85 -28.07 -7.05
CA LEU A 240 25.15 -27.33 -8.27
C LEU A 240 24.35 -27.88 -9.45
N SER A 241 24.03 -29.18 -9.45
CA SER A 241 23.25 -29.75 -10.53
C SER A 241 21.82 -29.21 -10.54
N SER A 242 21.28 -28.85 -9.37
CA SER A 242 19.93 -28.31 -9.26
C SER A 242 19.91 -26.80 -9.34
N THR A 243 20.88 -26.19 -10.01
CA THR A 243 20.93 -24.75 -10.22
C THR A 243 19.97 -24.30 -11.33
N PRO A 244 19.84 -25.03 -12.45
CA PRO A 244 18.84 -24.63 -13.44
C PRO A 244 17.43 -24.56 -12.89
N THR A 245 17.08 -25.44 -11.95
CA THR A 245 15.73 -25.45 -11.40
C THR A 245 15.43 -24.17 -10.62
N ILE A 246 16.41 -23.67 -9.86
CA ILE A 246 16.20 -22.43 -9.11
C ILE A 246 16.00 -21.26 -10.07
N LEU A 247 16.80 -21.21 -11.15
CA LEU A 247 16.60 -20.18 -12.16
C LEU A 247 15.24 -20.28 -12.80
N MET A 248 14.77 -21.50 -13.07
CA MET A 248 13.45 -21.70 -13.62
C MET A 248 12.37 -21.18 -12.67
N LEU A 249 12.50 -21.46 -11.37
CA LEU A 249 11.52 -20.99 -10.41
C LEU A 249 11.51 -19.46 -10.34
N MET A 250 12.68 -18.84 -10.36
CA MET A 250 12.74 -17.37 -10.24
C MET A 250 12.21 -16.72 -11.51
N GLN A 251 12.45 -17.33 -12.68
CA GLN A 251 11.86 -16.83 -13.92
C GLN A 251 10.35 -16.97 -13.93
N ALA A 252 9.85 -18.10 -13.44
CA ALA A 252 8.39 -18.30 -13.39
C ALA A 252 7.73 -17.29 -12.46
N TYR A 253 8.33 -17.04 -11.29
CA TYR A 253 7.77 -16.05 -10.39
C TYR A 253 7.78 -14.65 -11.02
N THR A 254 8.89 -14.29 -11.66
CA THR A 254 8.96 -12.98 -12.31
C THR A 254 7.90 -12.85 -13.40
N ASP A 255 7.74 -13.89 -14.22
CA ASP A 255 6.76 -13.84 -15.30
C ASP A 255 5.34 -13.74 -14.76
N SER A 256 5.02 -14.49 -13.71
CA SER A 256 3.69 -14.42 -13.14
C SER A 256 3.42 -13.04 -12.55
N ILE A 257 4.40 -12.46 -11.87
CA ILE A 257 4.23 -11.12 -11.31
C ILE A 257 4.01 -10.10 -12.41
N ALA A 258 4.78 -10.20 -13.51
CA ALA A 258 4.60 -9.25 -14.60
C ALA A 258 3.23 -9.40 -15.26
N SER A 259 2.79 -10.65 -15.48
CA SER A 259 1.50 -10.86 -16.11
C SER A 259 0.37 -10.32 -15.24
N TYR A 260 0.44 -10.53 -13.94
CA TYR A 260 -0.63 -9.91 -13.12
C TYR A 260 -0.46 -8.39 -13.11
N GLY A 261 0.77 -7.88 -13.14
CA GLY A 261 0.89 -6.44 -13.23
C GLY A 261 0.12 -5.89 -14.40
N LYS A 262 0.22 -6.56 -15.55
CA LYS A 262 -0.59 -6.16 -16.71
C LYS A 262 -2.08 -6.33 -16.43
N ALA A 263 -2.47 -7.43 -15.78
CA ALA A 263 -3.88 -7.64 -15.47
C ALA A 263 -4.41 -6.59 -14.52
N SER A 264 -3.59 -6.18 -13.55
CA SER A 264 -4.01 -5.16 -12.56
C SER A 264 -4.27 -3.83 -13.27
N SER A 265 -3.52 -3.54 -14.35
CA SER A 265 -3.72 -2.29 -15.12
C SER A 265 -5.11 -2.31 -15.78
N VAL A 266 -5.55 -3.45 -16.31
CA VAL A 266 -6.90 -3.56 -16.93
C VAL A 266 -7.95 -3.30 -15.85
N ALA A 267 -7.75 -3.86 -14.65
CA ALA A 267 -8.69 -3.63 -13.53
C ALA A 267 -8.68 -2.14 -13.17
N GLU A 268 -7.49 -1.52 -13.17
CA GLU A 268 -7.37 -0.08 -12.82
C GLU A 268 -8.27 0.72 -13.76
N GLU A 269 -8.15 0.54 -15.07
CA GLU A 269 -8.95 1.36 -15.97
C GLU A 269 -10.43 1.04 -15.84
N ALA A 270 -10.78 -0.23 -15.63
CA ALA A 270 -12.18 -0.63 -15.59
C ALA A 270 -12.91 0.04 -14.43
N PHE A 271 -12.30 0.08 -13.25
CA PHE A 271 -12.95 0.71 -12.11
C PHE A 271 -12.93 2.22 -12.20
N ALA A 272 -11.84 2.79 -12.70
CA ALA A 272 -11.78 4.24 -12.89
C ALA A 272 -12.79 4.68 -13.92
N ALA A 273 -12.86 3.99 -15.05
CA ALA A 273 -13.85 4.25 -16.09
C ALA A 273 -15.05 3.32 -15.95
N ILE A 274 -15.66 3.30 -14.77
CA ILE A 274 -16.78 2.39 -14.54
C ILE A 274 -18.10 2.96 -15.05
N LYS A 275 -18.25 4.29 -15.08
CA LYS A 275 -19.48 4.86 -15.62
C LYS A 275 -19.63 4.53 -17.10
N THR A 276 -18.56 4.67 -17.87
CA THR A 276 -18.61 4.34 -19.30
C THR A 276 -18.88 2.86 -19.51
N ALA A 277 -18.23 2.01 -18.72
CA ALA A 277 -18.41 0.56 -18.87
C ALA A 277 -19.86 0.16 -18.57
N THR A 278 -20.44 0.70 -17.50
CA THR A 278 -21.83 0.40 -17.20
C THR A 278 -22.76 0.96 -18.27
N ALA A 279 -22.50 2.18 -18.74
CA ALA A 279 -23.39 2.80 -19.72
C ALA A 279 -23.40 2.02 -21.03
N PHE A 280 -22.23 1.57 -21.49
CA PHE A 280 -22.12 0.85 -22.75
C PHE A 280 -22.15 -0.66 -22.59
N GLY A 281 -22.31 -1.15 -21.36
CA GLY A 281 -22.34 -2.58 -21.13
C GLY A 281 -21.04 -3.28 -21.45
N ALA A 282 -19.91 -2.60 -21.29
CA ALA A 282 -18.62 -3.21 -21.54
C ALA A 282 -18.14 -3.97 -20.30
N HIS A 283 -19.00 -4.82 -19.76
CA HIS A 283 -18.64 -5.63 -18.60
C HIS A 283 -17.92 -6.90 -19.01
N GLU A 284 -18.47 -7.63 -19.99
CA GLU A 284 -17.79 -8.80 -20.51
C GLU A 284 -16.54 -8.42 -21.29
N PHE A 285 -16.49 -7.24 -21.89
CA PHE A 285 -15.30 -6.80 -22.61
C PHE A 285 -14.12 -6.61 -21.66
N GLN A 286 -14.33 -5.86 -20.57
CA GLN A 286 -13.26 -5.63 -19.61
C GLN A 286 -12.92 -6.92 -18.86
N LEU A 287 -13.92 -7.74 -18.55
CA LEU A 287 -13.68 -9.02 -17.90
C LEU A 287 -12.83 -9.93 -18.79
N GLN A 288 -13.12 -9.95 -20.08
CA GLN A 288 -12.32 -10.75 -21.01
C GLN A 288 -10.90 -10.21 -21.11
N LYS A 289 -10.76 -8.89 -21.16
CA LYS A 289 -9.41 -8.27 -21.21
C LYS A 289 -8.63 -8.73 -19.97
N TYR A 290 -9.26 -8.69 -18.80
CA TYR A 290 -8.62 -9.17 -17.57
C TYR A 290 -8.26 -10.64 -17.68
N ASP A 291 -9.18 -11.45 -18.23
CA ASP A 291 -8.99 -12.89 -18.28
C ASP A 291 -7.83 -13.27 -19.20
N GLU A 292 -7.61 -12.52 -20.28
CA GLU A 292 -6.49 -12.84 -21.15
C GLU A 292 -5.14 -12.61 -20.48
N PHE A 293 -5.11 -11.85 -19.37
CA PHE A 293 -3.87 -11.61 -18.64
C PHE A 293 -3.76 -12.45 -17.39
N ILE A 294 -4.86 -12.81 -16.74
CA ILE A 294 -4.78 -13.73 -15.61
C ILE A 294 -4.74 -15.19 -16.04
N LEU A 295 -4.68 -15.46 -17.34
CA LEU A 295 -4.46 -16.80 -17.84
C LEU A 295 -2.98 -17.02 -18.14
N GLU A 296 -2.24 -15.95 -18.41
CA GLU A 296 -0.79 -16.04 -18.53
C GLU A 296 -0.16 -16.38 -17.19
N SER A 297 -0.69 -15.79 -16.11
CA SER A 297 -0.18 -16.07 -14.78
C SER A 297 -0.35 -17.54 -14.42
N LYS A 298 -1.42 -18.14 -14.94
CA LYS A 298 -1.69 -19.58 -14.66
C LYS A 298 -0.68 -20.44 -15.45
N GLY A 299 -0.34 -20.04 -16.67
CA GLY A 299 0.64 -20.76 -17.45
C GLY A 299 2.03 -20.71 -16.84
N TYR A 300 2.37 -19.59 -16.20
CA TYR A 300 3.65 -19.52 -15.49
C TYR A 300 3.58 -20.19 -14.13
N GLY A 301 2.38 -20.24 -13.53
CA GLY A 301 2.20 -21.02 -12.32
C GLY A 301 2.44 -22.49 -12.55
N LYS A 302 2.13 -22.98 -13.75
CA LYS A 302 2.46 -24.36 -14.09
C LYS A 302 3.97 -24.60 -14.02
N LYS A 303 4.75 -23.73 -14.67
CA LYS A 303 6.20 -23.87 -14.63
C LYS A 303 6.72 -23.75 -13.22
N LYS A 304 6.14 -22.84 -12.43
CA LYS A 304 6.46 -22.75 -11.01
C LYS A 304 6.18 -24.07 -10.29
N ALA A 305 5.09 -24.75 -10.67
CA ALA A 305 4.75 -26.02 -10.05
C ALA A 305 5.82 -27.06 -10.33
N ILE A 306 6.21 -27.22 -11.59
CA ILE A 306 7.27 -28.19 -11.90
C ILE A 306 8.57 -27.83 -11.19
N SER A 307 8.94 -26.54 -11.17
CA SER A 307 10.20 -26.16 -10.55
C SER A 307 10.19 -26.43 -9.04
N LEU A 308 9.09 -26.08 -8.37
CA LEU A 308 9.00 -26.32 -6.93
C LEU A 308 9.00 -27.81 -6.61
N ALA A 309 8.28 -28.60 -7.41
CA ALA A 309 8.30 -30.04 -7.22
C ALA A 309 9.71 -30.60 -7.39
N LEU A 310 10.43 -30.11 -8.39
CA LEU A 310 11.80 -30.56 -8.59
C LEU A 310 12.68 -30.20 -7.41
N MET A 311 12.48 -29.03 -6.83
CA MET A 311 13.32 -28.58 -5.70
C MET A 311 13.02 -29.43 -4.46
N MET A 312 11.75 -29.77 -4.23
CA MET A 312 11.40 -30.62 -3.09
C MET A 312 11.93 -32.03 -3.26
N GLY A 313 11.77 -32.59 -4.47
CA GLY A 313 12.30 -33.92 -4.74
C GLY A 313 13.81 -33.97 -4.62
N SER A 314 14.49 -32.92 -5.09
CA SER A 314 15.95 -32.88 -5.00
C SER A 314 16.41 -32.81 -3.55
N ILE A 315 15.71 -32.05 -2.72
CA ILE A 315 16.10 -31.96 -1.31
C ILE A 315 15.92 -33.31 -0.62
N TRP A 316 14.74 -33.93 -0.82
CA TRP A 316 14.49 -35.20 -0.16
C TRP A 316 15.22 -36.37 -0.81
N PHE A 317 15.84 -36.16 -1.96
CA PHE A 317 16.76 -37.13 -2.53
C PHE A 317 18.18 -36.92 -2.03
N ILE A 318 18.59 -35.66 -1.85
CA ILE A 318 19.91 -35.39 -1.30
C ILE A 318 20.03 -35.92 0.11
N VAL A 319 19.00 -35.72 0.92
CA VAL A 319 19.06 -36.19 2.32
C VAL A 319 19.21 -37.71 2.37
N PHE A 320 18.40 -38.42 1.59
CA PHE A 320 18.43 -39.89 1.62
C PHE A 320 19.73 -40.42 1.01
N ALA A 321 20.19 -39.82 -0.09
CA ALA A 321 21.45 -40.24 -0.68
C ALA A 321 22.62 -39.95 0.27
N THR A 322 22.54 -38.89 1.06
CA THR A 322 23.59 -38.60 2.00
C THR A 322 23.61 -39.63 3.13
N TYR A 323 22.44 -40.00 3.66
CA TYR A 323 22.41 -41.07 4.64
C TYR A 323 22.98 -42.37 4.07
N ALA A 324 22.53 -42.75 2.88
CA ALA A 324 22.97 -44.00 2.28
C ALA A 324 24.47 -44.00 2.04
N LEU A 325 25.00 -42.92 1.44
CA LEU A 325 26.42 -42.87 1.15
C LEU A 325 27.25 -42.78 2.41
N ALA A 326 26.78 -42.04 3.42
CA ALA A 326 27.50 -41.97 4.68
C ALA A 326 27.66 -43.36 5.29
N PHE A 327 26.55 -44.10 5.41
CA PHE A 327 26.64 -45.43 5.99
C PHE A 327 27.49 -46.36 5.13
N TRP A 328 27.29 -46.35 3.81
CA TRP A 328 28.01 -47.25 2.93
C TRP A 328 29.50 -47.00 2.96
N GLN A 329 29.92 -45.75 2.75
CA GLN A 329 31.33 -45.42 2.70
C GLN A 329 31.97 -45.41 4.08
N GLY A 330 31.19 -45.28 5.16
CA GLY A 330 31.77 -45.46 6.48
C GLY A 330 32.00 -46.91 6.83
N SER A 331 31.13 -47.79 6.35
CA SER A 331 31.40 -49.22 6.48
C SER A 331 32.60 -49.61 5.61
N ARG A 332 32.71 -49.00 4.43
CA ARG A 332 33.84 -49.31 3.51
C ARG A 332 35.16 -48.84 4.14
N PHE A 333 35.20 -47.61 4.62
CA PHE A 333 36.42 -47.07 5.28
C PHE A 333 36.73 -47.84 6.57
N MET A 334 35.70 -48.21 7.34
CA MET A 334 35.91 -48.86 8.66
C MET A 334 36.82 -50.10 8.62
N VAL A 335 36.82 -50.86 7.50
CA VAL A 335 37.72 -52.01 7.42
C VAL A 335 39.18 -51.60 7.36
N SER A 336 39.47 -50.30 7.37
CA SER A 336 40.83 -49.82 7.38
C SER A 336 41.08 -48.71 8.38
N ASP A 337 40.07 -48.24 9.10
CA ASP A 337 40.23 -47.15 10.05
C ASP A 337 39.67 -47.51 11.43
N ASN A 338 38.71 -48.45 11.45
CA ASN A 338 38.04 -48.83 12.72
C ASN A 338 37.44 -47.57 13.34
N SER A 339 36.81 -46.73 12.54
CA SER A 339 36.29 -45.45 13.04
C SER A 339 35.08 -45.67 13.93
N GLY A 340 33.99 -46.19 13.37
CA GLY A 340 32.86 -46.51 14.21
C GLY A 340 31.57 -45.86 13.75
N ILE A 341 30.45 -46.48 14.14
CA ILE A 341 29.14 -45.94 13.82
C ILE A 341 28.94 -44.58 14.49
N GLY A 342 29.56 -44.37 15.65
CA GLY A 342 29.44 -43.08 16.29
C GLY A 342 30.03 -41.96 15.46
N LYS A 343 31.23 -42.17 14.93
CA LYS A 343 31.84 -41.15 14.09
C LYS A 343 31.13 -41.01 12.75
N ILE A 344 30.63 -42.12 12.20
CA ILE A 344 29.88 -42.04 10.95
C ILE A 344 28.61 -41.20 11.13
N LEU A 345 27.88 -41.46 12.22
CA LEU A 345 26.68 -40.67 12.51
C LEU A 345 27.02 -39.22 12.79
N THR A 346 28.11 -38.96 13.50
CA THR A 346 28.50 -37.59 13.77
C THR A 346 28.74 -36.83 12.46
N ALA A 347 29.50 -37.44 11.54
CA ALA A 347 29.79 -36.78 10.27
C ALA A 347 28.51 -36.56 9.45
N CYS A 348 27.69 -37.61 9.33
CA CYS A 348 26.48 -37.51 8.52
C CYS A 348 25.52 -36.46 9.08
N MET A 349 25.27 -36.51 10.39
CA MET A 349 24.38 -35.56 11.02
C MET A 349 24.91 -34.14 10.93
N ALA A 350 26.22 -33.96 11.07
CA ALA A 350 26.79 -32.63 10.95
C ALA A 350 26.59 -32.05 9.54
N MET A 351 26.86 -32.87 8.52
CA MET A 351 26.68 -32.39 7.15
C MET A 351 25.22 -32.03 6.89
N LEU A 352 24.30 -32.90 7.29
CA LEU A 352 22.89 -32.62 7.03
C LEU A 352 22.38 -31.45 7.85
N PHE A 353 22.90 -31.30 9.08
CA PHE A 353 22.51 -30.18 9.96
C PHE A 353 22.83 -28.86 9.24
N GLY A 354 24.10 -28.65 8.86
CA GLY A 354 24.49 -27.37 8.25
C GLY A 354 23.76 -27.10 6.95
N SER A 355 23.59 -28.12 6.11
CA SER A 355 22.90 -27.96 4.81
C SER A 355 21.42 -27.58 5.03
N LEU A 356 20.77 -28.18 6.03
CA LEU A 356 19.31 -27.94 6.19
C LEU A 356 19.08 -26.69 7.05
N ILE A 357 20.13 -26.07 7.60
CA ILE A 357 19.91 -24.77 8.34
C ILE A 357 20.01 -23.60 7.34
N ILE A 358 20.43 -23.86 6.11
CA ILE A 358 20.61 -22.79 5.07
C ILE A 358 19.27 -22.11 4.75
N GLY A 359 18.16 -22.85 4.72
CA GLY A 359 16.88 -22.25 4.31
C GLY A 359 16.44 -21.09 5.19
N ASN A 360 16.59 -21.20 6.51
CA ASN A 360 16.23 -20.08 7.43
C ASN A 360 17.16 -18.90 7.19
N ALA A 361 18.43 -19.17 6.89
CA ALA A 361 19.42 -18.09 6.62
C ALA A 361 18.96 -17.26 5.42
N THR A 362 18.40 -17.90 4.39
CA THR A 362 18.03 -17.16 3.16
C THR A 362 16.87 -16.18 3.42
N ILE A 363 15.84 -16.59 4.16
CA ILE A 363 14.73 -15.69 4.47
C ILE A 363 15.19 -14.57 5.39
N SER A 364 16.09 -14.87 6.33
CA SER A 364 16.63 -13.83 7.19
C SER A 364 17.45 -12.83 6.39
N LEU A 365 18.22 -13.31 5.41
CA LEU A 365 19.01 -12.39 4.60
C LEU A 365 18.11 -11.59 3.65
N LYS A 366 16.99 -12.18 3.25
CA LYS A 366 16.01 -11.43 2.43
C LYS A 366 15.47 -10.29 3.29
N PHE A 367 15.10 -10.59 4.54
CA PHE A 367 14.63 -9.56 5.45
C PHE A 367 15.67 -8.46 5.64
N VAL A 368 16.94 -8.86 5.74
CA VAL A 368 18.02 -7.87 5.87
C VAL A 368 18.10 -6.99 4.64
N MET A 369 18.00 -7.59 3.45
CA MET A 369 18.14 -6.82 2.21
C MET A 369 16.92 -5.95 1.93
N VAL A 370 15.72 -6.38 2.36
CA VAL A 370 14.54 -5.55 2.20
C VAL A 370 14.67 -4.27 3.03
N GLY A 371 15.20 -4.39 4.25
CA GLY A 371 15.42 -3.24 5.09
C GLY A 371 16.61 -2.39 4.72
N LEU A 372 17.42 -2.83 3.76
CA LEU A 372 18.51 -2.02 3.24
C LEU A 372 18.10 -1.21 2.01
N SER A 373 17.04 -1.63 1.32
CA SER A 373 16.48 -0.81 0.25
C SER A 373 15.73 0.38 0.82
N ALA A 374 14.91 0.15 1.85
CA ALA A 374 14.22 1.26 2.51
C ALA A 374 15.20 2.21 3.16
N ALA A 375 16.28 1.67 3.73
CA ALA A 375 17.31 2.53 4.32
C ALA A 375 17.94 3.45 3.28
N SER A 376 18.12 2.95 2.06
CA SER A 376 18.67 3.80 1.00
C SER A 376 17.74 4.99 0.72
N LYS A 377 16.44 4.72 0.61
CA LYS A 377 15.48 5.79 0.37
C LYS A 377 15.47 6.80 1.51
N LEU A 378 15.39 6.32 2.75
CA LEU A 378 15.34 7.23 3.88
C LEU A 378 16.62 8.02 4.04
N PHE A 379 17.78 7.42 3.78
CA PHE A 379 19.02 8.17 3.90
C PHE A 379 19.23 9.13 2.75
N ALA A 380 18.68 8.83 1.57
CA ALA A 380 18.66 9.81 0.49
C ALA A 380 17.81 11.01 0.88
N MET A 381 16.70 10.77 1.57
CA MET A 381 15.79 11.88 1.97
C MET A 381 16.34 12.60 3.21
N ILE A 382 17.22 11.96 3.99
CA ILE A 382 17.83 12.60 5.14
C ILE A 382 19.02 13.44 4.73
N ASN A 383 19.89 12.90 3.88
CA ASN A 383 21.15 13.56 3.55
C ASN A 383 20.98 14.66 2.50
N ARG A 384 19.81 14.78 1.88
CA ARG A 384 19.58 15.83 0.84
C ARG A 384 19.62 17.20 1.53
N GLU A 385 20.50 18.13 1.12
CA GLU A 385 20.46 19.38 1.87
C GLU A 385 19.46 20.34 1.23
N PRO A 386 18.69 21.07 2.03
CA PRO A 386 17.63 21.91 1.48
C PRO A 386 18.21 23.14 0.78
N TYR A 387 17.39 23.70 -0.11
CA TYR A 387 17.78 24.93 -0.79
C TYR A 387 17.93 26.08 0.21
N PHE A 388 17.02 26.16 1.16
CA PHE A 388 17.02 27.21 2.16
C PHE A 388 17.55 26.67 3.49
N ASP A 389 18.44 27.44 4.12
CA ASP A 389 19.05 27.01 5.41
C ASP A 389 18.18 27.51 6.56
N SER A 390 16.90 27.12 6.57
CA SER A 390 15.98 27.50 7.63
C SER A 390 16.30 26.84 8.96
N ALA A 391 17.04 25.73 8.95
CA ALA A 391 17.42 25.09 10.20
C ALA A 391 18.44 25.91 10.98
N SER A 392 19.42 26.49 10.28
CA SER A 392 20.48 27.22 10.94
C SER A 392 19.96 28.53 11.52
N ASP A 393 20.82 29.20 12.29
CA ASP A 393 20.51 30.50 12.85
C ASP A 393 21.18 31.64 12.08
N ALA A 394 21.71 31.37 10.90
CA ALA A 394 22.36 32.39 10.11
C ALA A 394 21.34 33.38 9.56
N GLY A 395 21.81 34.59 9.27
CA GLY A 395 20.96 35.64 8.78
C GLY A 395 20.73 36.73 9.81
N GLU A 396 20.33 37.90 9.32
CA GLU A 396 20.13 39.04 10.19
C GLU A 396 18.72 39.05 10.77
N LYS A 397 18.53 39.85 11.81
CA LYS A 397 17.24 40.00 12.47
C LYS A 397 16.98 41.49 12.67
N ILE A 398 16.04 42.03 11.92
CA ILE A 398 15.76 43.46 11.99
C ILE A 398 15.13 43.80 13.33
N ASN A 399 15.68 44.85 13.95
CA ASN A 399 15.12 45.35 15.23
C ASN A 399 14.08 46.41 14.88
N GLU A 400 12.99 46.47 15.63
CA GLU A 400 11.88 47.39 15.40
C GLU A 400 11.38 47.28 13.96
N PHE A 401 10.92 46.08 13.63
CA PHE A 401 10.43 45.79 12.28
C PHE A 401 9.07 46.44 12.08
N ASP A 402 9.05 47.52 11.29
CA ASP A 402 7.81 48.26 11.09
C ASP A 402 6.80 47.44 10.28
N GLY A 403 7.24 46.87 9.16
CA GLY A 403 6.36 46.06 8.34
C GLY A 403 6.38 46.43 6.88
N SER A 404 7.18 47.43 6.52
CA SER A 404 7.26 47.87 5.13
C SER A 404 7.85 46.78 4.25
N ILE A 405 7.22 46.55 3.10
CA ILE A 405 7.67 45.57 2.12
C ILE A 405 7.88 46.30 0.80
N SER A 406 8.95 45.95 0.08
CA SER A 406 9.26 46.64 -1.19
C SER A 406 9.73 45.63 -2.26
N PHE A 407 8.86 45.24 -3.17
CA PHE A 407 9.20 44.32 -4.24
C PHE A 407 9.79 45.18 -5.35
N ARG A 408 10.77 44.62 -6.06
CA ARG A 408 11.45 45.37 -7.12
C ARG A 408 11.86 44.42 -8.24
N ASN A 409 11.14 44.46 -9.36
CA ASN A 409 11.46 43.67 -10.55
C ASN A 409 11.49 42.17 -10.27
N VAL A 410 10.61 41.73 -9.35
CA VAL A 410 10.62 40.30 -8.92
C VAL A 410 10.12 39.36 -10.02
N THR A 411 10.96 38.42 -10.43
CA THR A 411 10.58 37.40 -11.41
C THR A 411 10.88 36.01 -10.88
N THR A 412 9.95 35.07 -11.06
CA THR A 412 10.12 33.75 -10.49
C THR A 412 9.45 32.71 -11.37
N ARG A 413 9.91 31.47 -11.24
CA ARG A 413 9.35 30.32 -11.92
C ARG A 413 9.21 29.18 -10.93
N TYR A 414 8.20 28.34 -11.15
CA TYR A 414 8.22 27.24 -10.20
C TYR A 414 9.07 26.10 -10.74
N PRO A 415 9.79 25.39 -9.86
CA PRO A 415 10.67 24.31 -10.34
C PRO A 415 9.93 23.18 -11.06
N SER A 416 8.63 22.99 -10.77
CA SER A 416 7.89 21.93 -11.44
C SER A 416 7.77 22.19 -12.93
N ARG A 417 7.40 23.44 -13.28
CA ARG A 417 7.24 23.85 -14.69
C ARG A 417 8.25 24.98 -14.98
N PRO A 418 9.51 24.71 -15.40
CA PRO A 418 10.51 25.78 -15.54
C PRO A 418 10.33 26.65 -16.78
N ASP A 419 9.26 26.46 -17.55
CA ASP A 419 9.03 27.30 -18.73
C ASP A 419 7.99 28.38 -18.48
N ILE A 420 6.96 28.07 -17.68
CA ILE A 420 5.94 29.07 -17.35
C ILE A 420 6.52 30.07 -16.36
N THR A 421 6.38 31.36 -16.67
CA THR A 421 6.79 32.43 -15.77
C THR A 421 5.56 32.90 -15.01
N VAL A 422 5.53 32.63 -13.70
CA VAL A 422 4.36 32.96 -12.89
C VAL A 422 4.37 34.38 -12.36
N LEU A 423 5.46 35.12 -12.57
CA LEU A 423 5.54 36.49 -12.08
C LEU A 423 6.63 37.19 -12.87
N SER A 424 6.28 38.31 -13.53
CA SER A 424 7.21 39.04 -14.37
C SER A 424 7.25 40.49 -13.93
N ASP A 425 8.45 40.96 -13.57
CA ASP A 425 8.72 42.36 -13.26
C ASP A 425 7.72 42.92 -12.24
N PHE A 426 7.46 42.14 -11.19
CA PHE A 426 6.57 42.60 -10.14
C PHE A 426 7.23 43.73 -9.35
N THR A 427 6.51 44.84 -9.20
CA THR A 427 7.02 45.99 -8.46
C THR A 427 5.90 46.53 -7.59
N LEU A 428 6.15 46.65 -6.28
CA LEU A 428 5.10 47.11 -5.33
C LEU A 428 5.77 47.58 -4.03
N ASP A 429 5.59 48.85 -3.67
CA ASP A 429 6.15 49.41 -2.45
C ASP A 429 5.04 49.53 -1.42
N ILE A 430 5.11 48.72 -0.37
CA ILE A 430 4.09 48.69 0.66
C ILE A 430 4.62 49.40 1.89
N LYS A 431 3.79 50.25 2.48
CA LYS A 431 4.14 51.03 3.65
C LYS A 431 3.51 50.44 4.90
N PRO A 432 4.10 50.68 6.07
CA PRO A 432 3.51 50.16 7.32
C PRO A 432 2.07 50.62 7.52
N GLY A 433 1.15 49.66 7.63
CA GLY A 433 -0.25 49.93 7.83
C GLY A 433 -1.10 49.80 6.59
N GLN A 434 -0.48 49.76 5.41
CA GLN A 434 -1.24 49.65 4.17
C GLN A 434 -1.89 48.28 4.06
N THR A 435 -2.87 48.18 3.15
CA THR A 435 -3.61 46.95 2.91
C THR A 435 -3.67 46.73 1.40
N ILE A 436 -2.69 46.01 0.87
CA ILE A 436 -2.72 45.65 -0.54
C ILE A 436 -3.76 44.56 -0.77
N ALA A 437 -4.23 44.47 -2.01
CA ALA A 437 -5.25 43.48 -2.35
C ALA A 437 -4.97 43.02 -3.78
N LEU A 438 -4.28 41.89 -3.90
CA LEU A 438 -3.97 41.34 -5.21
C LEU A 438 -5.17 40.60 -5.76
N VAL A 439 -5.53 40.90 -7.01
CA VAL A 439 -6.69 40.29 -7.66
C VAL A 439 -6.28 39.84 -9.06
N GLY A 440 -7.16 39.07 -9.67
CA GLY A 440 -6.94 38.57 -11.01
C GLY A 440 -7.61 37.23 -11.20
N GLU A 441 -7.54 36.75 -12.43
CA GLU A 441 -8.07 35.43 -12.75
C GLU A 441 -7.14 34.35 -12.21
N SER A 442 -7.69 33.14 -12.08
CA SER A 442 -6.88 32.02 -11.62
C SER A 442 -5.76 31.74 -12.62
N GLY A 443 -4.56 31.50 -12.10
CA GLY A 443 -3.38 31.33 -12.92
C GLY A 443 -2.63 32.60 -13.24
N SER A 444 -3.13 33.76 -12.78
CA SER A 444 -2.42 35.01 -13.00
C SER A 444 -1.11 35.02 -12.23
N GLY A 445 -1.10 34.50 -11.02
CA GLY A 445 0.07 34.49 -10.18
C GLY A 445 0.00 35.35 -8.93
N LYS A 446 -1.19 35.63 -8.42
CA LYS A 446 -1.30 36.42 -7.20
C LYS A 446 -0.78 35.65 -6.00
N SER A 447 -1.06 34.34 -5.93
CA SER A 447 -0.66 33.54 -4.79
C SER A 447 0.85 33.30 -4.72
N THR A 448 1.58 33.65 -5.78
CA THR A 448 3.02 33.47 -5.75
C THR A 448 3.69 34.47 -4.82
N VAL A 449 3.09 35.64 -4.61
CA VAL A 449 3.67 36.65 -3.75
C VAL A 449 3.78 36.14 -2.31
N ILE A 450 2.71 35.48 -1.83
CA ILE A 450 2.74 34.94 -0.48
C ILE A 450 3.77 33.82 -0.37
N ALA A 451 3.91 33.01 -1.42
CA ALA A 451 4.91 31.95 -1.40
C ALA A 451 6.33 32.50 -1.38
N LEU A 452 6.57 33.64 -2.04
CA LEU A 452 7.89 34.25 -2.00
C LEU A 452 8.15 34.94 -0.67
N LEU A 453 7.12 35.53 -0.06
CA LEU A 453 7.33 36.24 1.20
C LEU A 453 7.57 35.28 2.35
N GLU A 454 7.03 34.07 2.29
CA GLU A 454 7.22 33.06 3.31
C GLU A 454 8.44 32.19 3.04
N ARG A 455 9.19 32.47 1.98
CA ARG A 455 10.37 31.69 1.59
C ARG A 455 10.00 30.24 1.31
N PHE A 456 8.80 30.02 0.76
CA PHE A 456 8.44 28.68 0.30
C PHE A 456 9.11 28.36 -1.02
N TYR A 457 9.22 29.34 -1.92
CA TYR A 457 9.87 29.17 -3.21
C TYR A 457 10.89 30.27 -3.39
N GLU A 458 11.68 30.13 -4.47
CA GLU A 458 12.79 31.09 -4.71
C GLU A 458 12.51 31.92 -5.97
N TYR A 459 12.66 33.23 -5.87
CA TYR A 459 12.49 34.15 -6.99
C TYR A 459 13.82 34.30 -7.71
N LEU A 460 13.84 33.98 -9.00
CA LEU A 460 15.09 33.96 -9.75
C LEU A 460 15.70 35.34 -9.85
N ASP A 461 14.87 36.32 -10.19
CA ASP A 461 15.38 37.70 -10.38
C ASP A 461 14.51 38.67 -9.58
N GLY A 462 15.10 39.77 -9.13
CA GLY A 462 14.37 40.82 -8.46
C GLY A 462 15.00 41.15 -7.13
N GLU A 463 14.19 41.69 -6.23
CA GLU A 463 14.65 42.07 -4.91
C GLU A 463 13.45 42.34 -4.02
N ILE A 464 13.42 41.72 -2.85
CA ILE A 464 12.38 41.96 -1.84
C ILE A 464 13.07 42.52 -0.60
N LEU A 465 12.65 43.71 -0.18
CA LEU A 465 13.27 44.42 0.93
C LEU A 465 12.27 44.59 2.06
N LEU A 466 12.63 44.09 3.24
CA LEU A 466 11.83 44.30 4.45
C LEU A 466 12.47 45.44 5.23
N ASP A 467 11.82 46.61 5.23
CA ASP A 467 12.39 47.82 5.81
C ASP A 467 13.78 48.12 5.24
N GLY A 468 13.94 47.90 3.95
CA GLY A 468 15.20 48.18 3.28
C GLY A 468 16.24 47.09 3.37
N VAL A 469 15.97 46.00 4.08
CA VAL A 469 16.92 44.90 4.22
C VAL A 469 16.49 43.77 3.30
N ASP A 470 17.43 43.21 2.56
CA ASP A 470 17.11 42.18 1.57
C ASP A 470 16.51 40.96 2.25
N LEU A 471 15.58 40.31 1.54
CA LEU A 471 14.94 39.11 2.07
C LEU A 471 15.87 37.90 2.04
N LYS A 472 16.86 37.91 1.15
CA LYS A 472 17.76 36.73 1.01
C LYS A 472 18.84 36.74 2.09
N SER A 473 18.91 37.82 2.89
CA SER A 473 19.91 37.91 3.96
C SER A 473 19.23 38.09 5.32
N LEU A 474 18.18 37.30 5.57
CA LEU A 474 17.46 37.36 6.83
C LEU A 474 17.24 35.94 7.35
N ASN A 475 17.22 35.80 8.67
CA ASN A 475 16.92 34.52 9.29
C ASN A 475 15.52 34.07 8.88
N ILE A 476 15.46 32.96 8.17
CA ILE A 476 14.20 32.55 7.54
C ILE A 476 13.12 32.29 8.58
N LYS A 477 13.46 31.61 9.67
CA LYS A 477 12.48 31.36 10.70
C LYS A 477 12.02 32.66 11.35
N TRP A 478 12.92 33.62 11.52
CA TRP A 478 12.53 34.92 12.04
C TRP A 478 11.55 35.61 11.09
N VAL A 479 11.83 35.56 9.79
CA VAL A 479 10.95 36.18 8.81
C VAL A 479 9.56 35.53 8.88
N ARG A 480 9.52 34.20 8.93
CA ARG A 480 8.24 33.51 9.04
C ARG A 480 7.54 33.83 10.36
N GLN A 481 8.30 34.16 11.40
CA GLN A 481 7.69 34.54 12.67
C GLN A 481 7.11 35.94 12.62
N GLN A 482 7.70 36.83 11.83
CA GLN A 482 7.19 38.19 11.71
C GLN A 482 5.90 38.30 10.92
N MET A 483 5.47 37.23 10.25
CA MET A 483 4.27 37.23 9.43
C MET A 483 3.22 36.33 10.06
N ALA A 484 2.04 36.30 9.43
CA ALA A 484 0.93 35.48 9.91
C ALA A 484 0.12 35.02 8.70
N LEU A 485 0.34 33.78 8.29
CA LEU A 485 -0.29 33.23 7.10
C LEU A 485 -1.64 32.62 7.48
N VAL A 486 -2.71 33.24 7.03
CA VAL A 486 -4.07 32.70 7.18
C VAL A 486 -4.43 32.05 5.85
N GLN A 487 -4.47 30.73 5.83
CA GLN A 487 -4.62 29.98 4.59
C GLN A 487 -6.09 29.81 4.22
N GLN A 488 -6.31 29.40 2.97
CA GLN A 488 -7.67 29.17 2.49
C GLN A 488 -8.33 28.03 3.25
N GLU A 489 -7.58 26.97 3.51
CA GLU A 489 -8.10 25.83 4.26
C GLU A 489 -7.45 25.83 5.64
N PRO A 490 -8.18 26.13 6.75
CA PRO A 490 -7.59 26.06 8.09
C PRO A 490 -7.24 24.62 8.50
N VAL A 491 -6.06 24.44 9.11
CA VAL A 491 -5.63 23.08 9.56
C VAL A 491 -5.47 23.12 11.08
N LEU A 492 -6.34 22.43 11.81
CA LEU A 492 -6.22 22.35 13.29
C LEU A 492 -5.59 21.01 13.66
N PHE A 493 -4.77 20.99 14.71
CA PHE A 493 -4.10 19.78 15.15
C PHE A 493 -4.87 19.15 16.31
N ALA A 494 -4.67 17.83 16.46
CA ALA A 494 -5.43 17.05 17.44
C ALA A 494 -4.85 17.44 18.80
N ALA A 495 -5.36 18.56 19.31
CA ALA A 495 -5.03 19.02 20.65
C ALA A 495 -6.17 19.88 21.16
N SER A 496 -5.99 20.44 22.35
CA SER A 496 -6.98 21.36 22.88
C SER A 496 -6.93 22.68 22.14
N ILE A 497 -8.02 23.44 22.23
CA ILE A 497 -8.07 24.75 21.59
C ILE A 497 -7.00 25.66 22.15
N TYR A 498 -6.74 25.55 23.46
CA TYR A 498 -5.68 26.34 24.08
C TYR A 498 -4.33 26.05 23.41
N GLU A 499 -4.02 24.78 23.21
CA GLU A 499 -2.76 24.42 22.56
C GLU A 499 -2.74 24.89 21.11
N ASN A 500 -3.85 24.75 20.40
CA ASN A 500 -3.90 25.16 19.00
C ASN A 500 -3.63 26.65 18.86
N VAL A 501 -4.23 27.47 19.73
CA VAL A 501 -3.95 28.89 19.69
C VAL A 501 -2.56 29.23 20.22
N CYS A 502 -2.01 28.40 21.11
CA CYS A 502 -0.67 28.63 21.62
C CYS A 502 0.42 28.22 20.64
N TYR A 503 0.10 27.45 19.61
CA TYR A 503 1.08 27.14 18.58
C TYR A 503 1.57 28.38 17.85
N GLY A 504 0.78 29.45 17.85
CA GLY A 504 1.19 30.67 17.18
C GLY A 504 2.21 31.51 17.93
N LEU A 505 2.49 31.16 19.18
CA LEU A 505 3.40 31.92 20.02
C LEU A 505 4.86 31.54 19.81
N VAL A 506 5.16 30.57 18.94
CA VAL A 506 6.53 30.12 18.76
C VAL A 506 7.40 31.28 18.30
N GLY A 507 8.51 31.49 19.00
CA GLY A 507 9.44 32.55 18.67
C GLY A 507 9.07 33.91 19.20
N SER A 508 7.86 34.10 19.71
CA SER A 508 7.44 35.36 20.26
C SER A 508 8.01 35.57 21.66
N LYS A 509 7.90 36.79 22.17
CA LYS A 509 8.35 37.09 23.52
C LYS A 509 7.48 36.43 24.57
N TYR A 510 6.25 36.05 24.23
CA TYR A 510 5.35 35.36 25.15
C TYR A 510 5.51 33.84 25.09
N GLU A 511 6.51 33.33 24.37
CA GLU A 511 6.69 31.88 24.26
C GLU A 511 7.00 31.27 25.61
N ASN A 512 7.84 31.92 26.41
CA ASN A 512 8.24 31.42 27.73
C ASN A 512 7.77 32.41 28.78
N VAL A 513 6.51 32.26 29.21
CA VAL A 513 5.91 33.06 30.26
C VAL A 513 5.08 32.15 31.15
N THR A 514 4.47 32.73 32.18
CA THR A 514 3.60 31.97 33.06
C THR A 514 2.40 31.43 32.30
N GLU A 515 1.99 30.21 32.67
CA GLU A 515 0.81 29.58 32.02
C GLU A 515 -0.42 30.46 32.29
N LYS A 516 -0.48 31.11 33.46
CA LYS A 516 -1.63 31.95 33.77
C LYS A 516 -1.72 33.13 32.81
N VAL A 517 -0.58 33.72 32.48
CA VAL A 517 -0.55 34.81 31.49
C VAL A 517 -0.95 34.29 30.12
N LYS A 518 -0.47 33.09 29.78
CA LYS A 518 -0.76 32.51 28.46
C LYS A 518 -2.26 32.31 28.26
N ARG A 519 -2.97 31.91 29.31
CA ARG A 519 -4.42 31.74 29.18
C ARG A 519 -5.11 33.08 28.95
N GLU A 520 -4.63 34.15 29.61
CA GLU A 520 -5.18 35.47 29.34
C GLU A 520 -4.91 35.89 27.90
N LEU A 521 -3.71 35.62 27.40
CA LEU A 521 -3.39 35.96 26.01
C LEU A 521 -4.28 35.19 25.04
N VAL A 522 -4.50 33.91 25.30
CA VAL A 522 -5.34 33.10 24.43
C VAL A 522 -6.78 33.59 24.46
N GLU A 523 -7.26 33.97 25.65
CA GLU A 523 -8.62 34.50 25.76
C GLU A 523 -8.76 35.81 24.97
N LYS A 524 -7.77 36.70 25.10
CA LYS A 524 -7.81 37.96 24.37
C LYS A 524 -7.77 37.72 22.87
N ALA A 525 -6.93 36.78 22.42
CA ALA A 525 -6.84 36.48 21.00
C ALA A 525 -8.14 35.88 20.47
N CYS A 526 -8.76 34.99 21.25
CA CYS A 526 -10.03 34.40 20.84
C CYS A 526 -11.16 35.42 20.85
N LYS A 527 -11.09 36.44 21.70
CA LYS A 527 -12.09 37.50 21.66
C LYS A 527 -11.86 38.44 20.48
N ASP A 528 -10.60 38.72 20.14
CA ASP A 528 -10.29 39.55 18.98
C ASP A 528 -10.65 38.86 17.67
N ALA A 529 -10.77 37.54 17.65
CA ALA A 529 -11.09 36.79 16.45
C ALA A 529 -12.54 36.35 16.40
N ASN A 530 -13.40 36.91 17.26
CA ASN A 530 -14.82 36.55 17.32
C ASN A 530 -15.00 35.05 17.57
N ALA A 531 -14.08 34.46 18.35
CA ALA A 531 -14.12 33.05 18.64
C ALA A 531 -14.58 32.74 20.06
N TRP A 532 -14.61 33.73 20.96
CA TRP A 532 -15.05 33.47 22.33
C TRP A 532 -16.52 33.10 22.39
N GLU A 533 -17.32 33.58 21.43
CA GLU A 533 -18.76 33.37 21.49
C GLU A 533 -19.13 31.89 21.40
N PHE A 534 -18.33 31.08 20.69
CA PHE A 534 -18.60 29.66 20.58
C PHE A 534 -17.64 28.80 21.39
N ILE A 535 -16.64 29.42 22.03
CA ILE A 535 -15.70 28.65 22.91
C ILE A 535 -16.23 28.71 24.34
N SER A 536 -16.62 29.91 24.81
CA SER A 536 -17.23 30.02 26.12
C SER A 536 -18.53 29.25 26.22
N GLN A 537 -19.26 29.11 25.09
CA GLN A 537 -20.47 28.31 25.05
C GLN A 537 -20.19 26.82 25.07
N MET A 538 -18.94 26.41 24.86
CA MET A 538 -18.59 25.00 24.81
C MET A 538 -18.69 24.38 26.21
N SER A 539 -18.58 23.05 26.25
CA SER A 539 -18.67 22.34 27.54
C SER A 539 -17.41 22.56 28.37
N ASN A 540 -16.26 22.13 27.84
CA ASN A 540 -15.00 22.29 28.57
C ASN A 540 -14.39 23.67 28.37
N GLY A 541 -14.74 24.38 27.31
CA GLY A 541 -14.18 25.70 27.07
C GLY A 541 -12.91 25.64 26.26
N LEU A 542 -11.88 26.33 26.73
CA LEU A 542 -10.62 26.43 26.01
C LEU A 542 -9.87 25.11 25.94
N ASP A 543 -10.24 24.10 26.74
CA ASP A 543 -9.53 22.84 26.79
C ASP A 543 -10.24 21.75 26.00
N THR A 544 -11.21 22.11 25.16
CA THR A 544 -11.90 21.12 24.35
C THR A 544 -11.00 20.58 23.25
N GLU A 545 -10.96 19.26 23.12
CA GLU A 545 -10.18 18.63 22.07
C GLU A 545 -10.83 18.83 20.71
N VAL A 546 -10.00 18.94 19.68
CA VAL A 546 -10.45 19.12 18.31
C VAL A 546 -9.78 18.06 17.43
N GLY A 547 -10.08 18.13 16.14
CA GLY A 547 -9.51 17.18 15.19
C GLY A 547 -10.18 15.82 15.22
N GLU A 548 -9.39 14.77 15.35
CA GLU A 548 -9.91 13.41 15.44
C GLU A 548 -10.50 13.08 16.80
N ARG A 549 -10.55 14.06 17.70
CA ARG A 549 -11.03 13.85 19.06
C ARG A 549 -11.85 15.05 19.49
N GLY A 550 -12.72 14.84 20.47
CA GLY A 550 -13.53 15.93 21.00
C GLY A 550 -14.61 16.35 20.04
N LEU A 551 -14.74 17.65 19.84
CA LEU A 551 -15.82 18.22 19.03
C LEU A 551 -15.41 18.34 17.57
N SER A 552 -16.41 18.42 16.71
CA SER A 552 -16.22 18.56 15.28
C SER A 552 -16.73 19.93 14.86
N LEU A 553 -15.81 20.84 14.57
CA LEU A 553 -16.16 22.22 14.25
C LEU A 553 -16.56 22.37 12.79
N SER A 554 -17.15 23.52 12.48
CA SER A 554 -17.47 23.89 11.11
C SER A 554 -16.33 24.69 10.50
N GLY A 555 -16.45 24.98 9.20
CA GLY A 555 -15.42 25.75 8.53
C GLY A 555 -15.22 27.12 9.16
N GLY A 556 -16.31 27.79 9.53
CA GLY A 556 -16.18 29.10 10.13
C GLY A 556 -15.48 29.08 11.47
N GLN A 557 -15.82 28.11 12.31
CA GLN A 557 -15.20 28.02 13.63
C GLN A 557 -13.72 27.67 13.52
N LYS A 558 -13.37 26.73 12.63
CA LYS A 558 -11.97 26.40 12.43
C LYS A 558 -11.20 27.61 11.89
N GLN A 559 -11.80 28.35 10.96
CA GLN A 559 -11.13 29.53 10.43
C GLN A 559 -10.96 30.60 11.49
N ARG A 560 -11.93 30.71 12.40
CA ARG A 560 -11.85 31.72 13.50
C ARG A 560 -10.77 31.32 14.50
N ILE A 561 -10.60 30.02 14.76
CA ILE A 561 -9.51 29.57 15.64
C ILE A 561 -8.17 29.78 14.96
N ALA A 562 -8.11 29.57 13.64
CA ALA A 562 -6.87 29.84 12.91
C ALA A 562 -6.54 31.33 12.94
N ILE A 563 -7.55 32.18 12.83
CA ILE A 563 -7.34 33.63 12.93
C ILE A 563 -6.80 34.01 14.30
N ALA A 564 -7.37 33.42 15.36
CA ALA A 564 -6.87 33.69 16.70
C ALA A 564 -5.43 33.22 16.85
N ARG A 565 -5.11 32.06 16.30
CA ARG A 565 -3.73 31.56 16.34
C ARG A 565 -2.78 32.50 15.62
N ALA A 566 -3.21 33.02 14.47
CA ALA A 566 -2.36 33.96 13.73
C ALA A 566 -2.16 35.26 14.50
N VAL A 567 -3.23 35.77 15.13
CA VAL A 567 -3.17 37.09 15.76
C VAL A 567 -2.58 37.08 17.16
N ILE A 568 -2.49 35.91 17.81
CA ILE A 568 -2.00 35.89 19.18
C ILE A 568 -0.54 36.33 19.26
N SER A 569 0.22 36.13 18.18
CA SER A 569 1.63 36.45 18.18
C SER A 569 1.91 37.93 17.94
N GLU A 570 0.87 38.73 17.66
CA GLU A 570 1.00 40.14 17.30
C GLU A 570 1.92 40.27 16.09
N PRO A 571 1.49 39.77 14.91
CA PRO A 571 2.37 39.82 13.74
C PRO A 571 2.51 41.24 13.20
N LYS A 572 3.60 41.44 12.47
CA LYS A 572 3.83 42.71 11.80
C LYS A 572 3.31 42.73 10.37
N ILE A 573 3.20 41.56 9.74
CA ILE A 573 2.68 41.42 8.39
C ILE A 573 1.62 40.32 8.41
N LEU A 574 0.47 40.59 7.80
CA LEU A 574 -0.61 39.62 7.70
C LEU A 574 -0.78 39.20 6.25
N LEU A 575 -0.83 37.89 6.02
CA LEU A 575 -0.96 37.33 4.67
C LEU A 575 -2.25 36.53 4.61
N LEU A 576 -3.32 37.15 4.12
CA LEU A 576 -4.62 36.51 3.99
C LEU A 576 -4.73 35.91 2.58
N ASP A 577 -4.63 34.59 2.50
CA ASP A 577 -4.67 33.87 1.22
C ASP A 577 -6.04 33.25 1.08
N GLU A 578 -7.00 34.03 0.59
CA GLU A 578 -8.37 33.56 0.35
C GLU A 578 -8.95 32.88 1.58
N ALA A 579 -8.89 33.60 2.71
CA ALA A 579 -9.30 33.00 3.97
C ALA A 579 -10.78 32.62 3.97
N THR A 580 -11.60 33.38 3.27
CA THR A 580 -13.05 33.17 3.25
C THR A 580 -13.52 32.48 1.99
N SER A 581 -12.61 31.97 1.16
CA SER A 581 -13.01 31.34 -0.10
C SER A 581 -13.67 29.99 0.09
N ALA A 582 -13.47 29.35 1.24
CA ALA A 582 -14.00 28.01 1.48
C ALA A 582 -15.19 27.99 2.43
N LEU A 583 -15.74 29.15 2.78
CA LEU A 583 -16.83 29.21 3.73
C LEU A 583 -18.16 29.45 3.02
N ASP A 584 -19.21 29.60 3.81
CA ASP A 584 -20.58 29.75 3.32
C ASP A 584 -21.04 31.20 3.50
N THR A 585 -22.27 31.46 3.06
CA THR A 585 -22.80 32.82 3.10
C THR A 585 -22.98 33.31 4.54
N ARG A 586 -23.52 32.47 5.41
CA ARG A 586 -23.78 32.89 6.78
C ARG A 586 -22.48 33.02 7.58
N SER A 587 -21.58 32.04 7.46
CA SER A 587 -20.36 32.03 8.24
C SER A 587 -19.35 33.05 7.78
N GLU A 588 -19.44 33.52 6.54
CA GLU A 588 -18.45 34.46 6.02
C GLU A 588 -18.47 35.78 6.76
N GLY A 589 -19.64 36.19 7.26
CA GLY A 589 -19.74 37.51 7.88
C GLY A 589 -18.87 37.67 9.11
N ILE A 590 -18.90 36.68 10.00
CA ILE A 590 -18.16 36.78 11.25
C ILE A 590 -16.66 36.76 11.00
N VAL A 591 -16.21 35.84 10.14
CA VAL A 591 -14.79 35.76 9.84
C VAL A 591 -14.31 37.00 9.10
N GLN A 592 -15.16 37.57 8.24
CA GLN A 592 -14.78 38.79 7.54
C GLN A 592 -14.69 39.97 8.50
N ASP A 593 -15.60 40.04 9.47
CA ASP A 593 -15.51 41.08 10.49
C ASP A 593 -14.22 40.93 11.30
N ALA A 594 -13.87 39.69 11.67
CA ALA A 594 -12.64 39.47 12.41
C ALA A 594 -11.42 39.89 11.60
N LEU A 595 -11.39 39.52 10.32
CA LEU A 595 -10.26 39.85 9.47
C LEU A 595 -10.15 41.36 9.26
N ASN A 596 -11.29 42.04 9.08
CA ASN A 596 -11.28 43.50 8.96
C ASN A 596 -10.76 44.15 10.23
N ARG A 597 -11.14 43.60 11.40
CA ARG A 597 -10.61 44.11 12.66
C ARG A 597 -9.09 43.92 12.73
N LEU A 598 -8.59 42.77 12.28
CA LEU A 598 -7.16 42.52 12.33
C LEU A 598 -6.40 43.39 11.33
N SER A 599 -6.92 43.54 10.12
CA SER A 599 -6.17 44.20 9.05
C SER A 599 -6.11 45.71 9.20
N GLU A 600 -6.82 46.29 10.17
CA GLU A 600 -6.85 47.74 10.32
C GLU A 600 -5.54 48.31 10.87
N THR A 601 -4.61 47.47 11.31
CA THR A 601 -3.38 47.95 11.92
C THR A 601 -2.12 47.40 11.27
N ARG A 602 -2.15 46.18 10.76
CA ARG A 602 -0.96 45.50 10.25
C ARG A 602 -0.83 45.70 8.74
N THR A 603 0.39 45.51 8.26
CA THR A 603 0.72 45.61 6.84
C THR A 603 0.26 44.34 6.15
N THR A 604 -1.03 44.35 5.78
CA THR A 604 -1.67 43.13 5.23
C THR A 604 -1.43 43.02 3.72
N ILE A 605 -1.50 41.80 3.19
CA ILE A 605 -1.53 41.55 1.75
C ILE A 605 -2.67 40.57 1.50
N VAL A 606 -3.84 41.10 1.16
CA VAL A 606 -5.04 40.28 1.02
C VAL A 606 -5.10 39.72 -0.39
N ILE A 607 -5.31 38.41 -0.49
CA ILE A 607 -5.62 37.75 -1.76
C ILE A 607 -7.05 37.26 -1.68
N ALA A 608 -7.92 37.80 -2.53
CA ALA A 608 -9.35 37.58 -2.40
C ALA A 608 -9.93 37.04 -3.70
N HIS A 609 -10.94 36.17 -3.56
CA HIS A 609 -11.76 35.74 -4.67
C HIS A 609 -13.12 36.41 -4.69
N ARG A 610 -13.60 36.89 -3.55
CA ARG A 610 -14.82 37.69 -3.47
C ARG A 610 -14.40 39.16 -3.41
N LEU A 611 -14.43 39.82 -4.56
CA LEU A 611 -13.92 41.19 -4.68
C LEU A 611 -14.73 42.20 -3.89
N SER A 612 -15.93 41.84 -3.41
CA SER A 612 -16.72 42.78 -2.63
C SER A 612 -16.16 43.02 -1.24
N THR A 613 -15.26 42.16 -0.77
CA THR A 613 -14.70 42.27 0.57
C THR A 613 -13.48 43.16 0.65
N ILE A 614 -12.95 43.61 -0.48
CA ILE A 614 -11.70 44.38 -0.49
C ILE A 614 -11.95 45.78 -1.03
N GLN A 615 -13.19 46.26 -0.93
CA GLN A 615 -13.49 47.60 -1.42
C GLN A 615 -12.79 48.69 -0.60
N ASN A 616 -12.36 48.37 0.62
CA ASN A 616 -11.72 49.34 1.49
C ASN A 616 -10.21 49.20 1.53
N ALA A 617 -9.63 48.43 0.61
CA ALA A 617 -8.19 48.24 0.58
C ALA A 617 -7.49 49.55 0.19
N ASP A 618 -6.36 49.83 0.87
CA ASP A 618 -5.61 51.04 0.57
C ASP A 618 -5.03 51.04 -0.83
N LEU A 619 -4.86 49.87 -1.44
CA LEU A 619 -4.38 49.76 -2.81
C LEU A 619 -4.80 48.42 -3.36
N ILE A 620 -5.14 48.39 -4.65
CA ILE A 620 -5.56 47.17 -5.33
C ILE A 620 -4.63 46.94 -6.51
N VAL A 621 -4.04 45.75 -6.58
CA VAL A 621 -3.13 45.37 -7.66
C VAL A 621 -3.81 44.28 -8.47
N VAL A 622 -3.96 44.51 -9.77
CA VAL A 622 -4.59 43.57 -10.67
C VAL A 622 -3.50 42.85 -11.44
N LEU A 623 -3.49 41.52 -11.33
CA LEU A 623 -2.46 40.70 -11.99
C LEU A 623 -3.09 39.85 -13.09
N SER A 624 -2.41 39.73 -14.23
CA SER A 624 -2.86 38.91 -15.35
C SER A 624 -1.63 38.31 -16.02
N LYS A 625 -1.50 36.98 -15.95
CA LYS A 625 -0.36 36.27 -16.59
C LYS A 625 0.97 36.68 -15.93
N GLY A 626 0.93 37.12 -14.66
CA GLY A 626 2.15 37.43 -13.95
C GLY A 626 2.60 38.87 -14.03
N LYS A 627 1.81 39.76 -14.61
CA LYS A 627 2.18 41.16 -14.75
C LYS A 627 1.11 42.06 -14.15
N ILE A 628 1.54 43.18 -13.58
CA ILE A 628 0.63 44.17 -13.01
C ILE A 628 0.02 44.94 -14.18
N VAL A 629 -1.19 44.57 -14.58
CA VAL A 629 -1.85 45.25 -15.69
C VAL A 629 -2.27 46.66 -15.27
N GLU A 630 -2.79 46.80 -14.06
CA GLU A 630 -3.20 48.10 -13.56
C GLU A 630 -3.27 48.05 -12.04
N THR A 631 -3.08 49.21 -11.42
CA THR A 631 -3.13 49.33 -9.97
C THR A 631 -3.78 50.65 -9.59
N GLY A 632 -4.34 50.69 -8.39
CA GLY A 632 -5.00 51.89 -7.91
C GLY A 632 -6.03 51.55 -6.85
N SER A 633 -6.71 52.60 -6.40
CA SER A 633 -7.76 52.43 -5.39
C SER A 633 -8.99 51.80 -6.03
N HIS A 634 -10.03 51.61 -5.21
CA HIS A 634 -11.25 50.99 -5.71
C HIS A 634 -11.95 51.89 -6.72
N LYS A 635 -12.16 53.17 -6.37
CA LYS A 635 -12.82 54.09 -7.29
C LYS A 635 -11.95 54.38 -8.50
N GLU A 636 -10.64 54.53 -8.30
CA GLU A 636 -9.75 54.87 -9.40
C GLU A 636 -9.69 53.79 -10.46
N LEU A 637 -9.92 52.54 -10.10
CA LEU A 637 -9.88 51.45 -11.07
C LEU A 637 -11.21 51.27 -11.80
N LEU A 638 -12.34 51.51 -11.13
CA LEU A 638 -13.63 51.37 -11.79
C LEU A 638 -13.78 52.35 -12.95
N LYS A 639 -13.32 53.59 -12.76
CA LYS A 639 -13.42 54.59 -13.82
C LYS A 639 -12.55 54.23 -15.01
N LYS A 640 -11.51 53.43 -14.81
CA LYS A 640 -10.58 53.11 -15.88
C LYS A 640 -11.18 52.17 -16.92
N LYS A 641 -12.35 51.59 -16.65
CA LYS A 641 -13.04 50.71 -17.61
C LYS A 641 -12.17 49.52 -17.97
N GLY A 642 -11.42 49.02 -16.99
CA GLY A 642 -10.40 48.03 -17.26
C GLY A 642 -10.69 46.62 -16.76
N LYS A 643 -9.63 45.87 -16.45
CA LYS A 643 -9.79 44.48 -16.03
C LYS A 643 -10.55 44.38 -14.71
N TYR A 644 -10.29 45.30 -13.78
CA TYR A 644 -11.01 45.28 -12.51
C TYR A 644 -12.50 45.47 -12.73
N HIS A 645 -12.88 46.31 -13.70
CA HIS A 645 -14.29 46.49 -14.01
C HIS A 645 -14.91 45.19 -14.51
N GLN A 646 -14.21 44.48 -15.39
CA GLN A 646 -14.72 43.20 -15.87
C GLN A 646 -14.88 42.22 -14.72
N LEU A 647 -13.89 42.16 -13.83
CA LEU A 647 -13.96 41.24 -12.70
C LEU A 647 -15.13 41.56 -11.78
N VAL A 648 -15.35 42.85 -11.50
CA VAL A 648 -16.43 43.21 -10.59
C VAL A 648 -17.78 42.98 -11.25
N GLN A 649 -17.85 43.17 -12.56
CA GLN A 649 -19.12 42.89 -13.30
C GLN A 649 -19.42 41.40 -13.19
N ILE A 650 -18.41 40.56 -13.45
CA ILE A 650 -18.60 39.11 -13.37
C ILE A 650 -19.02 38.70 -11.96
N GLN A 651 -18.39 39.29 -10.95
CA GLN A 651 -18.75 38.97 -9.57
C GLN A 651 -20.18 39.36 -9.27
N ASN A 652 -20.60 40.56 -9.72
CA ASN A 652 -21.96 41.00 -9.48
C ASN A 652 -22.98 40.09 -10.18
N ILE A 653 -22.69 39.70 -11.42
CA ILE A 653 -23.61 38.82 -12.14
C ILE A 653 -23.70 37.47 -11.46
N ARG A 654 -22.55 36.92 -11.03
CA ARG A 654 -22.57 35.65 -10.31
C ARG A 654 -23.35 35.75 -9.01
N THR A 655 -23.21 36.87 -8.30
CA THR A 655 -23.99 37.08 -7.09
C THR A 655 -25.48 37.14 -7.39
N LYS A 656 -25.86 37.77 -8.52
CA LYS A 656 -27.25 37.81 -8.91
C LYS A 656 -27.82 36.42 -9.13
N ILE A 657 -27.03 35.53 -9.74
CA ILE A 657 -27.45 34.15 -9.95
C ILE A 657 -27.37 33.36 -8.65
N GLN A 709 -14.80 -21.86 10.09
CA GLN A 709 -14.39 -22.89 9.14
C GLN A 709 -14.79 -22.50 7.72
N LEU A 710 -13.80 -22.13 6.92
CA LEU A 710 -14.03 -21.69 5.55
C LEU A 710 -13.43 -22.65 4.51
N PHE A 711 -12.99 -23.84 4.92
CA PHE A 711 -12.47 -24.80 3.96
C PHE A 711 -13.52 -25.18 2.93
N LEU A 712 -14.75 -25.43 3.38
CA LEU A 712 -15.80 -25.90 2.48
C LEU A 712 -16.11 -24.88 1.40
N MET A 713 -15.95 -23.60 1.69
CA MET A 713 -16.20 -22.55 0.71
C MET A 713 -15.31 -22.72 -0.51
N LEU A 714 -14.00 -22.61 -0.33
CA LEU A 714 -13.07 -22.76 -1.44
C LEU A 714 -13.09 -24.17 -2.01
N LEU A 715 -13.42 -25.18 -1.19
CA LEU A 715 -13.55 -26.54 -1.71
C LEU A 715 -14.70 -26.63 -2.71
N GLN A 716 -15.83 -26.01 -2.39
CA GLN A 716 -16.95 -25.96 -3.31
C GLN A 716 -16.61 -25.15 -4.56
N ILE A 717 -15.89 -24.05 -4.38
CA ILE A 717 -15.55 -23.22 -5.55
C ILE A 717 -14.63 -23.99 -6.50
N ASN A 718 -13.64 -24.68 -5.95
CA ASN A 718 -12.66 -25.42 -6.80
C ASN A 718 -13.06 -26.91 -6.93
N LYS A 719 -14.34 -27.18 -7.19
CA LYS A 719 -14.82 -28.58 -7.38
C LYS A 719 -14.10 -29.21 -8.57
N GLY A 720 -13.83 -28.43 -9.61
CA GLY A 720 -13.20 -28.97 -10.83
C GLY A 720 -11.82 -29.55 -10.60
N ASP A 721 -11.12 -29.14 -9.54
CA ASP A 721 -9.70 -29.60 -9.38
C ASP A 721 -9.61 -30.91 -8.61
N TYR A 722 -10.73 -31.57 -8.32
CA TYR A 722 -10.69 -32.81 -7.51
C TYR A 722 -9.81 -33.85 -8.21
N TYR A 723 -9.85 -33.92 -9.54
CA TYR A 723 -9.01 -34.88 -10.32
C TYR A 723 -7.53 -34.73 -9.93
N LEU A 724 -7.15 -33.62 -9.30
CA LEU A 724 -5.78 -33.42 -8.85
C LEU A 724 -5.60 -33.67 -7.36
N LEU A 725 -6.64 -33.45 -6.55
CA LEU A 725 -6.52 -33.62 -5.11
C LEU A 725 -6.90 -35.01 -4.62
N ILE A 726 -7.54 -35.82 -5.47
CA ILE A 726 -7.84 -37.22 -5.05
C ILE A 726 -6.52 -38.02 -5.08
N PRO A 727 -5.70 -38.05 -6.16
CA PRO A 727 -4.41 -38.77 -6.10
C PRO A 727 -3.46 -38.22 -5.06
N CYS A 728 -3.65 -36.97 -4.62
CA CYS A 728 -2.74 -36.38 -3.66
C CYS A 728 -2.84 -37.04 -2.30
N LEU A 729 -4.00 -37.56 -1.93
CA LEU A 729 -4.11 -38.29 -0.66
C LEU A 729 -3.25 -39.54 -0.68
N PHE A 730 -3.30 -40.32 -1.77
CA PHE A 730 -2.47 -41.51 -1.86
C PHE A 730 -1.00 -41.15 -1.94
N LEU A 731 -0.66 -40.08 -2.67
CA LEU A 731 0.74 -39.66 -2.74
C LEU A 731 1.26 -39.23 -1.37
N ALA A 732 0.45 -38.48 -0.62
CA ALA A 732 0.84 -38.08 0.72
C ALA A 732 0.95 -39.27 1.66
N LEU A 733 0.08 -40.28 1.49
CA LEU A 733 0.18 -41.48 2.31
C LEU A 733 1.48 -42.24 2.02
N ILE A 734 1.87 -42.33 0.75
CA ILE A 734 3.15 -43.02 0.39
C ILE A 734 4.33 -42.20 0.92
N ALA A 735 4.31 -40.88 0.68
CA ALA A 735 5.41 -39.99 1.12
C ALA A 735 5.51 -40.03 2.65
N GLY A 736 4.47 -40.56 3.29
CA GLY A 736 4.44 -40.63 4.76
C GLY A 736 4.94 -41.97 5.25
N MET A 737 4.66 -43.04 4.50
CA MET A 737 5.25 -44.37 4.87
C MET A 737 6.77 -44.27 4.71
N GLY A 738 7.24 -43.50 3.73
CA GLY A 738 8.67 -43.31 3.48
C GLY A 738 9.50 -43.14 4.75
N PHE A 739 9.34 -42.05 5.49
CA PHE A 739 10.24 -41.86 6.63
C PHE A 739 10.17 -42.97 7.67
N PRO A 740 9.02 -43.51 8.06
CA PRO A 740 9.00 -44.64 8.98
C PRO A 740 9.44 -45.97 8.38
N SER A 741 9.98 -45.97 7.16
CA SER A 741 10.73 -47.11 6.65
C SER A 741 12.22 -46.84 6.59
N PHE A 742 12.60 -45.58 6.32
CA PHE A 742 13.97 -45.15 6.58
C PHE A 742 14.33 -45.39 8.04
N ALA A 743 13.36 -45.22 8.95
CA ALA A 743 13.63 -45.47 10.36
C ALA A 743 13.98 -46.94 10.60
N LEU A 744 13.19 -47.85 10.01
CA LEU A 744 13.46 -49.27 10.18
C LEU A 744 14.82 -49.65 9.60
N LEU A 745 15.11 -49.17 8.38
CA LEU A 745 16.39 -49.51 7.76
C LEU A 745 17.56 -48.90 8.51
N ALA A 746 17.39 -47.69 9.06
CA ALA A 746 18.45 -47.09 9.85
C ALA A 746 18.70 -47.86 11.13
N GLY A 747 17.63 -48.32 11.80
CA GLY A 747 17.81 -49.15 12.96
C GLY A 747 18.55 -50.44 12.64
N ARG A 748 18.20 -51.07 11.52
CA ARG A 748 18.90 -52.29 11.12
C ARG A 748 20.36 -52.01 10.77
N VAL A 749 20.65 -50.87 10.17
CA VAL A 749 22.03 -50.51 9.87
C VAL A 749 22.83 -50.31 11.16
N ILE A 750 22.25 -49.60 12.13
CA ILE A 750 22.95 -49.37 13.42
C ILE A 750 23.18 -50.72 14.10
N GLU A 751 22.22 -51.65 14.01
CA GLU A 751 22.47 -52.99 14.56
C GLU A 751 23.58 -53.70 13.79
N ALA A 752 23.60 -53.56 12.46
CA ALA A 752 24.63 -54.20 11.65
C ALA A 752 26.02 -53.63 11.93
N PHE A 753 26.11 -52.45 12.52
CA PHE A 753 27.40 -51.88 12.90
C PHE A 753 27.88 -52.37 14.27
N GLN A 754 27.34 -53.48 14.77
CA GLN A 754 27.72 -54.02 16.06
C GLN A 754 28.86 -55.04 15.91
N VAL A 755 29.98 -54.55 15.43
CA VAL A 755 31.15 -55.40 15.22
C VAL A 755 31.92 -55.51 16.53
N THR A 756 32.62 -56.64 16.69
CA THR A 756 33.50 -56.85 17.84
C THR A 756 34.95 -56.99 17.43
N GLY A 757 35.27 -56.75 16.17
CA GLY A 757 36.61 -56.91 15.66
C GLY A 757 36.63 -57.10 14.16
N PRO A 758 37.82 -57.11 13.57
CA PRO A 758 37.93 -57.28 12.11
C PRO A 758 37.38 -58.62 11.61
N GLN A 759 37.09 -59.53 12.53
CA GLN A 759 36.53 -60.82 12.13
C GLN A 759 35.12 -60.69 11.60
N ASP A 760 34.33 -59.76 12.15
CA ASP A 760 32.93 -59.59 11.77
C ASP A 760 32.74 -58.59 10.65
N PHE A 761 33.83 -58.06 10.08
CA PHE A 761 33.70 -57.06 9.03
C PHE A 761 33.00 -57.56 7.77
N PRO A 762 33.29 -58.75 7.24
CA PRO A 762 32.55 -59.19 6.03
C PRO A 762 31.04 -59.23 6.20
N HIS A 763 30.56 -59.74 7.35
CA HIS A 763 29.12 -59.77 7.59
C HIS A 763 28.55 -58.36 7.69
N MET A 764 29.27 -57.46 8.37
CA MET A 764 28.81 -56.09 8.47
C MET A 764 28.73 -55.44 7.09
N ARG A 765 29.73 -55.68 6.24
CA ARG A 765 29.72 -55.11 4.90
C ARG A 765 28.57 -55.67 4.08
N SER A 766 28.31 -56.97 4.16
CA SER A 766 27.20 -57.55 3.41
C SER A 766 25.88 -56.93 3.85
N LEU A 767 25.67 -56.84 5.17
CA LEU A 767 24.43 -56.25 5.67
C LEU A 767 24.32 -54.78 5.28
N ILE A 768 25.43 -54.06 5.32
CA ILE A 768 25.39 -52.60 5.00
C ILE A 768 25.02 -52.45 3.53
N ASN A 769 25.62 -53.26 2.64
CA ASN A 769 25.25 -53.16 1.23
C ASN A 769 23.77 -53.48 1.04
N LYS A 770 23.30 -54.55 1.68
CA LYS A 770 21.91 -54.97 1.49
C LYS A 770 20.92 -53.92 2.00
N TYR A 771 21.24 -53.24 3.09
CA TYR A 771 20.34 -52.22 3.63
C TYR A 771 20.51 -50.86 2.96
N THR A 772 21.72 -50.53 2.50
CA THR A 772 21.93 -49.28 1.79
C THR A 772 21.27 -49.31 0.41
N GLY A 773 21.23 -50.48 -0.23
CA GLY A 773 20.45 -50.59 -1.46
C GLY A 773 19.00 -50.23 -1.25
N PHE A 774 18.39 -50.74 -0.18
CA PHE A 774 17.00 -50.43 0.11
C PHE A 774 16.82 -48.97 0.54
N LEU A 775 17.79 -48.41 1.27
CA LEU A 775 17.72 -47.00 1.62
C LEU A 775 17.73 -46.13 0.38
N PHE A 776 18.58 -46.45 -0.59
CA PHE A 776 18.61 -45.68 -1.82
C PHE A 776 17.36 -45.89 -2.66
N MET A 777 16.81 -47.10 -2.67
CA MET A 777 15.58 -47.34 -3.41
C MET A 777 14.41 -46.56 -2.80
N ILE A 778 14.35 -46.50 -1.48
CA ILE A 778 13.31 -45.69 -0.83
C ILE A 778 13.55 -44.21 -1.08
N GLY A 779 14.81 -43.78 -1.08
CA GLY A 779 15.11 -42.39 -1.35
C GLY A 779 14.82 -41.95 -2.77
N CYS A 780 14.58 -42.90 -3.67
CA CYS A 780 14.17 -42.59 -5.04
C CYS A 780 12.68 -42.65 -5.24
N VAL A 781 11.98 -43.53 -4.50
CA VAL A 781 10.52 -43.57 -4.58
C VAL A 781 9.92 -42.26 -4.09
N LEU A 782 10.42 -41.77 -2.95
CA LEU A 782 9.92 -40.50 -2.37
C LEU A 782 10.26 -39.33 -3.30
N LEU A 783 11.34 -39.43 -4.08
CA LEU A 783 11.64 -38.39 -5.05
C LEU A 783 10.49 -38.22 -6.03
N ILE A 784 10.05 -39.33 -6.64
CA ILE A 784 8.94 -39.29 -7.58
C ILE A 784 7.65 -38.88 -6.88
N VAL A 785 7.42 -39.42 -5.68
CA VAL A 785 6.20 -39.11 -4.95
C VAL A 785 6.12 -37.62 -4.64
N TYR A 786 7.22 -37.03 -4.16
CA TYR A 786 7.22 -35.61 -3.84
C TYR A 786 7.10 -34.77 -5.10
N LEU A 787 7.75 -35.19 -6.17
CA LEU A 787 7.63 -34.47 -7.47
C LEU A 787 6.15 -34.41 -7.87
N PHE A 788 5.46 -35.55 -7.91
CA PHE A 788 4.07 -35.57 -8.34
C PHE A 788 3.16 -34.82 -7.36
N LEU A 789 3.36 -35.03 -6.06
CA LEU A 789 2.48 -34.42 -5.07
C LEU A 789 2.60 -32.90 -5.08
N THR A 790 3.83 -32.38 -5.02
CA THR A 790 4.01 -30.93 -5.03
C THR A 790 3.54 -30.32 -6.33
N SER A 791 3.81 -30.99 -7.47
CA SER A 791 3.34 -30.47 -8.74
C SER A 791 1.81 -30.36 -8.76
N PHE A 792 1.12 -31.42 -8.35
CA PHE A 792 -0.33 -31.42 -8.37
C PHE A 792 -0.89 -30.36 -7.42
N MET A 793 -0.31 -30.25 -6.22
CA MET A 793 -0.82 -29.28 -5.26
C MET A 793 -0.60 -27.85 -5.72
N VAL A 794 0.57 -27.55 -6.30
CA VAL A 794 0.81 -26.18 -6.76
C VAL A 794 -0.09 -25.86 -7.96
N LEU A 795 -0.32 -26.84 -8.84
CA LEU A 795 -1.26 -26.62 -9.93
C LEU A 795 -2.66 -26.32 -9.39
N SER A 796 -3.09 -27.06 -8.37
CA SER A 796 -4.39 -26.78 -7.75
C SER A 796 -4.42 -25.38 -7.14
N SER A 797 -3.34 -24.98 -6.49
CA SER A 797 -3.30 -23.64 -5.89
C SER A 797 -3.40 -22.55 -6.95
N GLU A 798 -2.68 -22.73 -8.06
CA GLU A 798 -2.74 -21.74 -9.13
C GLU A 798 -4.12 -21.69 -9.76
N SER A 799 -4.76 -22.86 -9.93
CA SER A 799 -6.13 -22.86 -10.44
C SER A 799 -7.09 -22.15 -9.50
N LEU A 800 -6.94 -22.37 -8.19
CA LEU A 800 -7.80 -21.68 -7.24
C LEU A 800 -7.57 -20.17 -7.26
N VAL A 801 -6.30 -19.75 -7.40
CA VAL A 801 -6.02 -18.32 -7.46
C VAL A 801 -6.63 -17.70 -8.71
N TYR A 802 -6.51 -18.39 -9.85
CA TYR A 802 -7.14 -17.89 -11.08
C TYR A 802 -8.64 -17.77 -10.91
N LYS A 803 -9.28 -18.78 -10.32
CA LYS A 803 -10.73 -18.72 -10.12
C LYS A 803 -11.11 -17.57 -9.21
N MET A 804 -10.35 -17.37 -8.12
CA MET A 804 -10.63 -16.25 -7.23
C MET A 804 -10.53 -14.92 -7.94
N ARG A 805 -9.46 -14.73 -8.73
CA ARG A 805 -9.29 -13.46 -9.43
C ARG A 805 -10.43 -13.23 -10.43
N TYR A 806 -10.76 -14.26 -11.21
CA TYR A 806 -11.80 -14.11 -12.22
C TYR A 806 -13.14 -13.79 -11.58
N ARG A 807 -13.54 -14.56 -10.56
CA ARG A 807 -14.84 -14.34 -9.95
C ARG A 807 -14.89 -13.03 -9.17
N CYS A 808 -13.77 -12.61 -8.57
CA CYS A 808 -13.77 -11.34 -7.87
C CYS A 808 -13.91 -10.17 -8.83
N PHE A 809 -13.19 -10.21 -9.96
CA PHE A 809 -13.36 -9.15 -10.95
C PHE A 809 -14.77 -9.15 -11.53
N LYS A 810 -15.33 -10.35 -11.78
CA LYS A 810 -16.70 -10.42 -12.28
C LYS A 810 -17.69 -9.87 -11.27
N GLN A 811 -17.43 -10.06 -9.98
CA GLN A 811 -18.34 -9.57 -8.95
C GLN A 811 -18.20 -8.08 -8.72
N TYR A 812 -17.01 -7.51 -8.93
CA TYR A 812 -16.87 -6.07 -8.81
C TYR A 812 -17.62 -5.33 -9.92
N LEU A 813 -17.65 -5.91 -11.12
CA LEU A 813 -18.29 -5.24 -12.25
C LEU A 813 -19.81 -5.26 -12.16
N ARG A 814 -20.36 -6.07 -11.26
CA ARG A 814 -21.84 -6.23 -11.15
C ARG A 814 -22.42 -5.14 -10.24
N GLN A 815 -21.58 -4.40 -9.51
CA GLN A 815 -22.09 -3.44 -8.54
C GLN A 815 -22.59 -2.18 -9.22
N ASP A 816 -23.62 -1.59 -8.64
CA ASP A 816 -24.19 -0.34 -9.12
C ASP A 816 -23.26 0.82 -8.76
N MET A 817 -23.53 1.97 -9.36
CA MET A 817 -22.64 3.12 -9.19
C MET A 817 -22.66 3.68 -7.78
N SER A 818 -23.62 3.28 -6.95
CA SER A 818 -23.59 3.65 -5.54
C SER A 818 -22.51 2.88 -4.77
N PHE A 819 -22.03 1.77 -5.32
CA PHE A 819 -20.95 1.03 -4.69
C PHE A 819 -19.62 1.72 -4.89
N PHE A 820 -19.38 2.26 -6.09
CA PHE A 820 -18.04 2.73 -6.45
C PHE A 820 -17.74 4.13 -5.93
N ASP A 821 -18.74 4.90 -5.50
CA ASP A 821 -18.50 6.24 -4.98
C ASP A 821 -18.42 6.27 -3.46
N ARG A 822 -18.47 5.11 -2.81
CA ARG A 822 -18.23 5.03 -1.38
C ARG A 822 -16.74 5.30 -1.10
N PRO A 823 -16.40 5.78 0.09
CA PRO A 823 -15.00 6.07 0.40
C PRO A 823 -14.14 4.83 0.54
N GLU A 824 -14.71 3.69 0.89
CA GLU A 824 -13.96 2.46 1.10
C GLU A 824 -13.92 1.57 -0.14
N ASN A 825 -14.47 2.03 -1.26
CA ASN A 825 -14.45 1.30 -2.52
C ASN A 825 -13.69 2.07 -3.59
N LYS A 826 -12.67 2.81 -3.18
CA LYS A 826 -11.85 3.57 -4.13
C LYS A 826 -11.21 2.63 -5.15
N VAL A 827 -10.81 3.19 -6.29
CA VAL A 827 -10.19 2.40 -7.34
C VAL A 827 -8.89 1.78 -6.85
N GLY A 828 -8.05 2.59 -6.20
CA GLY A 828 -6.79 2.09 -5.68
C GLY A 828 -6.94 1.11 -4.53
N THR A 829 -8.11 1.06 -3.91
CA THR A 829 -8.39 0.08 -2.87
C THR A 829 -8.89 -1.23 -3.45
N LEU A 830 -9.81 -1.16 -4.43
CA LEU A 830 -10.29 -2.36 -5.09
C LEU A 830 -9.18 -3.05 -5.86
N VAL A 831 -8.31 -2.27 -6.51
CA VAL A 831 -7.18 -2.86 -7.21
C VAL A 831 -6.26 -3.59 -6.25
N THR A 832 -5.98 -2.97 -5.09
CA THR A 832 -5.13 -3.61 -4.09
C THR A 832 -5.77 -4.89 -3.56
N THR A 833 -7.09 -4.86 -3.32
CA THR A 833 -7.77 -6.05 -2.84
C THR A 833 -7.69 -7.18 -3.86
N LEU A 834 -7.91 -6.87 -5.14
CA LEU A 834 -7.76 -7.88 -6.19
C LEU A 834 -6.34 -8.42 -6.24
N ALA A 835 -5.34 -7.56 -6.08
CA ALA A 835 -3.96 -8.02 -6.10
C ALA A 835 -3.66 -8.95 -4.94
N LYS A 836 -4.17 -8.64 -3.75
CA LYS A 836 -3.74 -9.33 -2.54
C LYS A 836 -4.61 -10.53 -2.20
N ASP A 837 -5.91 -10.32 -1.99
CA ASP A 837 -6.74 -11.37 -1.40
C ASP A 837 -6.80 -12.64 -2.25
N PRO A 838 -7.05 -12.58 -3.57
CA PRO A 838 -6.98 -13.81 -4.37
C PRO A 838 -5.60 -14.42 -4.43
N GLN A 839 -4.57 -13.74 -3.94
CA GLN A 839 -3.24 -14.31 -3.83
C GLN A 839 -2.91 -14.78 -2.42
N ASP A 840 -3.42 -14.11 -1.40
CA ASP A 840 -3.28 -14.60 -0.03
C ASP A 840 -4.09 -15.86 0.20
N ILE A 841 -5.16 -16.07 -0.57
CA ILE A 841 -6.02 -17.25 -0.30
C ILE A 841 -5.28 -18.53 -0.74
N GLU A 842 -4.16 -18.40 -1.46
CA GLU A 842 -3.41 -19.58 -1.86
C GLU A 842 -2.78 -20.32 -0.68
N GLY A 843 -2.74 -19.69 0.50
CA GLY A 843 -2.16 -20.34 1.66
C GLY A 843 -2.94 -21.53 2.17
N LEU A 844 -4.16 -21.76 1.66
CA LEU A 844 -4.95 -22.93 2.00
C LEU A 844 -4.95 -23.96 0.88
N SER A 845 -3.87 -24.02 0.10
CA SER A 845 -3.73 -24.99 -0.97
C SER A 845 -2.27 -25.02 -1.38
N GLY A 846 -1.92 -26.00 -2.22
CA GLY A 846 -0.58 -26.06 -2.77
C GLY A 846 0.42 -26.80 -1.92
N GLY A 847 1.68 -26.36 -1.98
CA GLY A 847 2.73 -27.00 -1.20
C GLY A 847 2.43 -26.98 0.29
N THR A 848 1.73 -25.97 0.78
CA THR A 848 1.39 -25.92 2.20
C THR A 848 0.45 -27.05 2.58
N ALA A 849 -0.60 -27.29 1.79
CA ALA A 849 -1.51 -28.40 2.08
C ALA A 849 -0.82 -29.74 1.88
N ALA A 850 0.04 -29.84 0.86
CA ALA A 850 0.82 -31.06 0.69
C ALA A 850 1.67 -31.36 1.92
N GLN A 851 2.35 -30.34 2.43
CA GLN A 851 3.17 -30.51 3.63
C GLN A 851 2.32 -30.83 4.84
N LEU A 852 1.12 -30.27 4.94
CA LEU A 852 0.23 -30.60 6.04
C LEU A 852 -0.12 -32.09 6.04
N ALA A 853 -0.57 -32.57 4.87
CA ALA A 853 -0.95 -33.99 4.78
C ALA A 853 0.24 -34.90 5.05
N VAL A 854 1.38 -34.58 4.44
CA VAL A 854 2.59 -35.38 4.63
C VAL A 854 3.02 -35.38 6.08
N SER A 855 2.91 -34.21 6.72
CA SER A 855 3.32 -34.08 8.15
C SER A 855 2.45 -35.00 9.02
N VAL A 856 1.13 -34.88 8.93
CA VAL A 856 0.23 -35.67 9.82
C VAL A 856 0.45 -37.17 9.57
N VAL A 857 0.56 -37.57 8.30
CA VAL A 857 0.79 -39.00 7.97
C VAL A 857 2.14 -39.42 8.59
N ILE A 858 3.19 -38.61 8.42
CA ILE A 858 4.49 -39.00 8.94
C ILE A 858 4.44 -39.15 10.46
N VAL A 859 3.81 -38.19 11.14
CA VAL A 859 3.74 -38.24 12.60
C VAL A 859 2.94 -39.46 13.05
N VAL A 860 1.80 -39.70 12.42
CA VAL A 860 0.97 -40.84 12.82
C VAL A 860 1.69 -42.16 12.57
N ALA A 861 2.30 -42.30 11.39
CA ALA A 861 3.01 -43.52 11.07
C ALA A 861 4.19 -43.74 12.00
N GLY A 862 4.93 -42.68 12.32
CA GLY A 862 6.05 -42.81 13.24
C GLY A 862 5.62 -43.21 14.63
N ILE A 863 4.52 -42.63 15.12
CA ILE A 863 4.03 -43.00 16.44
C ILE A 863 3.59 -44.46 16.46
N ILE A 864 2.86 -44.88 15.42
CA ILE A 864 2.42 -46.27 15.36
C ILE A 864 3.60 -47.23 15.27
N LEU A 865 4.61 -46.87 14.46
CA LEU A 865 5.80 -47.69 14.36
C LEU A 865 6.54 -47.79 15.70
N ALA A 866 6.64 -46.67 16.41
CA ALA A 866 7.33 -46.67 17.70
C ALA A 866 6.58 -47.54 18.70
N VAL A 867 5.24 -47.50 18.68
CA VAL A 867 4.48 -48.34 19.59
C VAL A 867 4.61 -49.81 19.22
N ALA A 868 4.58 -50.12 17.91
CA ALA A 868 4.61 -51.52 17.49
C ALA A 868 5.98 -52.14 17.73
N VAL A 869 7.06 -51.41 17.41
CA VAL A 869 8.40 -51.96 17.57
C VAL A 869 8.72 -52.22 19.02
N ASN A 870 8.37 -51.29 19.90
CA ASN A 870 8.60 -51.44 21.34
C ASN A 870 7.58 -50.61 22.08
N TRP A 871 6.62 -51.27 22.72
CA TRP A 871 5.54 -50.55 23.38
C TRP A 871 6.03 -49.77 24.60
N ARG A 872 7.04 -50.27 25.30
CA ARG A 872 7.55 -49.56 26.46
C ARG A 872 8.30 -48.30 26.07
N LEU A 873 8.90 -48.30 24.88
CA LEU A 873 9.66 -47.15 24.39
C LEU A 873 8.86 -46.26 23.46
N GLY A 874 7.82 -46.81 22.82
CA GLY A 874 6.95 -46.01 21.98
C GLY A 874 5.85 -45.27 22.70
N LEU A 875 5.71 -45.50 24.00
CA LEU A 875 4.77 -44.74 24.82
C LEU A 875 5.43 -43.51 25.42
N VAL A 876 6.62 -43.69 26.00
CA VAL A 876 7.34 -42.55 26.57
C VAL A 876 7.74 -41.57 25.48
N CYS A 877 8.25 -42.09 24.36
CA CYS A 877 8.65 -41.22 23.25
C CYS A 877 7.46 -40.65 22.49
N THR A 878 6.26 -41.21 22.69
CA THR A 878 5.05 -40.56 22.18
C THR A 878 4.68 -39.35 23.02
N ALA A 879 4.93 -39.41 24.33
CA ALA A 879 4.64 -38.29 25.21
C ALA A 879 5.49 -37.06 24.88
N THR A 880 6.61 -37.25 24.21
CA THR A 880 7.47 -36.13 23.81
C THR A 880 7.09 -35.56 22.45
N VAL A 881 6.20 -36.22 21.70
CA VAL A 881 5.74 -35.66 20.42
C VAL A 881 4.97 -34.36 20.63
N PRO A 882 4.03 -34.25 21.58
CA PRO A 882 3.44 -32.94 21.83
C PRO A 882 4.47 -31.88 22.19
N ILE A 883 5.49 -32.23 22.97
CA ILE A 883 6.50 -31.26 23.36
C ILE A 883 7.27 -30.77 22.14
N LEU A 884 7.75 -31.70 21.32
CA LEU A 884 8.54 -31.32 20.15
C LEU A 884 7.71 -30.51 19.15
N LEU A 885 6.47 -30.95 18.90
CA LEU A 885 5.62 -30.24 17.95
C LEU A 885 5.23 -28.86 18.49
N GLY A 886 4.96 -28.76 19.79
CA GLY A 886 4.67 -27.46 20.37
C GLY A 886 5.85 -26.51 20.29
N CYS A 887 7.05 -27.01 20.54
CA CYS A 887 8.23 -26.16 20.39
C CYS A 887 8.38 -25.69 18.95
N GLY A 888 8.21 -26.61 17.99
CA GLY A 888 8.35 -26.24 16.59
C GLY A 888 7.32 -25.21 16.15
N PHE A 889 6.09 -25.33 16.66
CA PHE A 889 5.04 -24.38 16.29
C PHE A 889 5.27 -23.03 16.98
N PHE A 890 5.58 -23.05 18.28
CA PHE A 890 5.67 -21.81 19.03
C PHE A 890 6.93 -21.03 18.70
N SER A 891 7.98 -21.67 18.19
CA SER A 891 9.11 -20.89 17.69
C SER A 891 8.66 -19.95 16.58
N VAL A 892 7.95 -20.48 15.58
CA VAL A 892 7.46 -19.66 14.48
C VAL A 892 6.42 -18.66 14.98
N TYR A 893 5.57 -19.08 15.92
CA TYR A 893 4.57 -18.15 16.44
C TYR A 893 5.21 -16.97 17.14
N LEU A 894 6.26 -17.21 17.93
CA LEU A 894 6.93 -16.11 18.62
C LEU A 894 7.72 -15.24 17.65
N LEU A 895 8.27 -15.83 16.61
CA LEU A 895 8.87 -15.00 15.58
C LEU A 895 7.85 -14.09 14.92
N MET A 896 6.64 -14.61 14.65
CA MET A 896 5.56 -13.77 14.14
C MET A 896 5.21 -12.65 15.12
N VAL A 897 5.17 -12.97 16.41
CA VAL A 897 4.89 -11.95 17.41
C VAL A 897 5.95 -10.85 17.36
N PHE A 898 7.22 -11.25 17.27
CA PHE A 898 8.30 -10.26 17.14
C PHE A 898 8.12 -9.41 15.90
N GLU A 899 7.74 -10.03 14.78
CA GLU A 899 7.54 -9.29 13.54
C GLU A 899 6.43 -8.26 13.68
N GLU A 900 5.31 -8.65 14.30
CA GLU A 900 4.14 -7.79 14.37
C GLU A 900 4.29 -6.67 15.40
N ARG A 901 5.06 -6.91 16.47
CA ARG A 901 5.24 -5.89 17.54
C ARG A 901 5.87 -4.64 16.93
N ILE A 902 6.72 -4.81 15.91
CA ILE A 902 7.45 -3.67 15.34
C ILE A 902 6.47 -2.63 14.82
N LEU A 903 5.45 -3.07 14.09
CA LEU A 903 4.47 -2.14 13.56
C LEU A 903 3.38 -1.80 14.56
N LYS A 904 3.04 -2.71 15.48
CA LYS A 904 2.00 -2.41 16.46
C LYS A 904 2.45 -1.37 17.48
N ASP A 905 3.74 -1.34 17.82
CA ASP A 905 4.20 -0.46 18.89
C ASP A 905 4.31 1.00 18.45
N TYR A 906 4.87 1.23 17.27
CA TYR A 906 5.08 2.60 16.78
C TYR A 906 3.89 3.07 15.94
N GLN A 907 2.74 3.19 16.61
CA GLN A 907 1.53 3.68 15.97
C GLN A 907 1.11 5.05 16.44
N GLU A 908 1.20 5.31 17.75
CA GLU A 908 0.87 6.64 18.27
C GLU A 908 1.81 7.70 17.70
N SER A 909 3.11 7.46 17.80
CA SER A 909 4.09 8.43 17.31
C SER A 909 4.03 8.54 15.79
N ALA A 910 3.81 7.43 15.10
CA ALA A 910 3.68 7.47 13.65
C ALA A 910 2.47 8.28 13.22
N SER A 911 1.35 8.11 13.93
CA SER A 911 0.15 8.90 13.62
C SER A 911 0.37 10.38 13.89
N TYR A 912 1.06 10.70 15.00
CA TYR A 912 1.36 12.10 15.28
C TYR A 912 2.24 12.71 14.19
N ALA A 913 3.30 11.99 13.80
CA ALA A 913 4.18 12.49 12.76
C ALA A 913 3.45 12.65 11.44
N CYS A 914 2.60 11.67 11.09
CA CYS A 914 1.85 11.77 9.85
C CYS A 914 0.86 12.93 9.89
N GLU A 915 0.30 13.23 11.06
CA GLU A 915 -0.59 14.38 11.18
C GLU A 915 0.17 15.68 10.97
N GLN A 916 1.33 15.83 11.61
CA GLN A 916 2.09 17.07 11.45
C GLN A 916 2.78 17.16 10.10
N VAL A 917 2.88 16.06 9.36
CA VAL A 917 3.45 16.05 8.02
C VAL A 917 2.38 16.15 6.94
N SER A 918 1.13 15.90 7.27
CA SER A 918 0.06 16.12 6.30
C SER A 918 0.00 17.58 5.86
N ALA A 919 0.38 18.50 6.75
CA ALA A 919 0.38 19.93 6.46
C ALA A 919 1.75 20.51 6.82
N LEU A 920 2.66 20.52 5.84
CA LEU A 920 3.94 21.20 6.04
C LEU A 920 3.82 22.71 5.96
N LYS A 921 2.91 23.23 5.15
CA LYS A 921 2.85 24.69 4.98
C LYS A 921 2.45 25.38 6.28
N THR A 922 1.50 24.80 7.02
CA THR A 922 1.07 25.40 8.27
C THR A 922 2.12 25.25 9.36
N VAL A 923 2.76 24.08 9.44
CA VAL A 923 3.82 23.87 10.43
C VAL A 923 4.99 24.80 10.17
N VAL A 924 5.40 24.92 8.91
CA VAL A 924 6.53 25.77 8.55
C VAL A 924 6.18 27.24 8.77
N SER A 925 4.94 27.62 8.46
CA SER A 925 4.51 29.00 8.67
C SER A 925 4.60 29.38 10.15
N LEU A 926 4.20 28.47 11.04
CA LEU A 926 4.25 28.73 12.47
C LEU A 926 5.64 28.51 13.06
N THR A 927 6.60 28.04 12.25
CA THR A 927 7.95 27.70 12.71
C THR A 927 7.90 26.67 13.84
N ARG A 928 7.04 25.67 13.69
CA ARG A 928 6.81 24.64 14.69
C ARG A 928 7.67 23.40 14.49
N GLU A 929 8.81 23.51 13.80
CA GLU A 929 9.64 22.33 13.58
C GLU A 929 10.28 21.85 14.89
N VAL A 930 10.76 22.78 15.70
CA VAL A 930 11.51 22.41 16.90
C VAL A 930 10.60 21.73 17.92
N GLY A 931 9.42 22.30 18.15
CA GLY A 931 8.50 21.70 19.12
C GLY A 931 8.00 20.34 18.68
N ILE A 932 7.66 20.21 17.40
CA ILE A 932 7.20 18.93 16.87
C ILE A 932 8.30 17.89 16.99
N TYR A 933 9.53 18.26 16.64
CA TYR A 933 10.64 17.33 16.74
C TYR A 933 10.90 16.93 18.18
N GLU A 934 10.79 17.87 19.12
CA GLU A 934 11.01 17.53 20.52
C GLU A 934 9.95 16.56 21.02
N LYS A 935 8.68 16.82 20.69
CA LYS A 935 7.62 15.92 21.14
C LYS A 935 7.78 14.54 20.51
N TYR A 936 8.09 14.48 19.22
CA TYR A 936 8.26 13.18 18.55
C TYR A 936 9.45 12.42 19.12
N SER A 937 10.57 13.11 19.36
CA SER A 937 11.75 12.47 19.92
C SER A 937 11.48 11.92 21.31
N ASN A 938 10.80 12.71 22.15
CA ASN A 938 10.45 12.23 23.48
C ASN A 938 9.52 11.02 23.40
N SER A 939 8.56 11.06 22.49
CA SER A 939 7.62 9.96 22.33
C SER A 939 8.34 8.67 21.98
N ILE A 940 9.22 8.72 20.97
CA ILE A 940 9.87 7.47 20.56
C ILE A 940 10.94 7.04 21.57
N LYS A 941 11.57 7.98 22.28
CA LYS A 941 12.49 7.60 23.33
C LYS A 941 11.76 6.87 24.46
N ASP A 942 10.55 7.32 24.79
CA ASP A 942 9.75 6.58 25.77
C ASP A 942 9.32 5.22 25.21
N GLN A 943 9.01 5.16 23.92
CA GLN A 943 8.58 3.92 23.30
C GLN A 943 9.68 2.87 23.33
N VAL A 944 10.94 3.28 23.16
CA VAL A 944 12.05 2.32 23.21
C VAL A 944 12.06 1.59 24.56
N LYS A 945 12.00 2.36 25.65
CA LYS A 945 11.99 1.75 26.97
C LYS A 945 10.74 0.93 27.21
N ARG A 946 9.59 1.40 26.73
CA ARG A 946 8.36 0.64 26.93
C ARG A 946 8.39 -0.69 26.18
N SER A 947 9.09 -0.75 25.04
CA SER A 947 9.10 -1.96 24.24
C SER A 947 10.18 -2.93 24.70
N ALA A 948 11.29 -2.43 25.24
CA ALA A 948 12.35 -3.31 25.71
C ALA A 948 11.86 -4.28 26.78
N ARG A 949 10.95 -3.82 27.65
CA ARG A 949 10.46 -4.66 28.74
C ARG A 949 9.60 -5.81 28.22
N SER A 950 8.66 -5.51 27.33
CA SER A 950 7.83 -6.57 26.76
C SER A 950 8.66 -7.56 25.96
N VAL A 951 9.64 -7.06 25.21
CA VAL A 951 10.54 -7.94 24.47
C VAL A 951 11.31 -8.85 25.43
N SER A 952 11.78 -8.29 26.55
CA SER A 952 12.47 -9.09 27.55
C SER A 952 11.55 -10.16 28.14
N ARG A 953 10.26 -9.84 28.30
CA ARG A 953 9.33 -10.82 28.84
C ARG A 953 9.12 -11.99 27.89
N THR A 954 8.94 -11.69 26.60
CA THR A 954 8.63 -12.75 25.59
C THR A 954 9.88 -13.56 25.25
N THR A 955 11.05 -12.92 25.20
CA THR A 955 12.28 -13.61 24.81
C THR A 955 12.60 -14.76 25.75
N LEU A 956 12.13 -14.72 26.99
CA LEU A 956 12.34 -15.82 27.91
C LEU A 956 11.66 -17.10 27.39
N LEU A 957 10.39 -16.97 26.98
CA LEU A 957 9.69 -18.11 26.41
C LEU A 957 10.36 -18.57 25.12
N TYR A 958 10.76 -17.63 24.27
CA TYR A 958 11.42 -18.03 23.02
C TYR A 958 12.70 -18.82 23.30
N ALA A 959 13.51 -18.34 24.23
CA ALA A 959 14.77 -19.02 24.53
C ALA A 959 14.54 -20.37 25.18
N LEU A 960 13.55 -20.48 26.06
CA LEU A 960 13.23 -21.76 26.67
C LEU A 960 12.82 -22.78 25.61
N ILE A 961 11.99 -22.35 24.67
CA ILE A 961 11.58 -23.23 23.57
C ILE A 961 12.79 -23.64 22.74
N GLN A 962 13.72 -22.71 22.52
CA GLN A 962 14.94 -23.04 21.78
C GLN A 962 15.80 -24.06 22.52
N GLY A 963 15.87 -23.95 23.84
CA GLY A 963 16.70 -24.86 24.62
C GLY A 963 16.06 -26.19 24.97
N MET A 964 14.75 -26.36 24.71
CA MET A 964 14.07 -27.58 25.09
C MET A 964 14.67 -28.83 24.45
N ASN A 965 15.05 -28.75 23.16
CA ASN A 965 15.34 -29.97 22.39
C ASN A 965 16.44 -30.83 22.99
N PRO A 966 17.60 -30.30 23.38
CA PRO A 966 18.61 -31.18 24.00
C PRO A 966 18.12 -31.87 25.25
N TRP A 967 17.22 -31.24 26.01
CA TRP A 967 16.67 -31.89 27.20
C TRP A 967 15.83 -33.10 26.82
N VAL A 968 15.03 -32.99 25.76
CA VAL A 968 14.27 -34.13 25.27
C VAL A 968 15.20 -35.23 24.82
N PHE A 969 16.27 -34.88 24.10
CA PHE A 969 17.25 -35.87 23.69
C PHE A 969 17.86 -36.57 24.89
N ALA A 970 18.23 -35.82 25.92
CA ALA A 970 18.86 -36.40 27.10
C ALA A 970 17.91 -37.37 27.79
N LEU A 971 16.64 -36.96 27.98
CA LEU A 971 15.68 -37.82 28.64
C LEU A 971 15.45 -39.11 27.84
N GLY A 972 15.30 -38.97 26.52
CA GLY A 972 15.08 -40.14 25.70
C GLY A 972 16.25 -41.11 25.73
N PHE A 973 17.47 -40.58 25.64
CA PHE A 973 18.64 -41.44 25.66
C PHE A 973 18.82 -42.12 27.02
N TRP A 974 18.57 -41.38 28.11
CA TRP A 974 18.68 -41.98 29.43
C TRP A 974 17.68 -43.11 29.63
N TYR A 975 16.42 -42.87 29.25
CA TYR A 975 15.42 -43.93 29.39
C TYR A 975 15.73 -45.11 28.49
N GLY A 976 16.19 -44.84 27.26
CA GLY A 976 16.57 -45.93 26.37
C GLY A 976 17.70 -46.77 26.93
N SER A 977 18.69 -46.12 27.53
CA SER A 977 19.80 -46.87 28.14
C SER A 977 19.30 -47.72 29.30
N ARG A 978 18.40 -47.18 30.13
CA ARG A 978 17.87 -47.97 31.23
C ARG A 978 17.10 -49.18 30.71
N LEU A 979 16.26 -48.98 29.70
CA LEU A 979 15.51 -50.10 29.13
C LEU A 979 16.46 -51.14 28.53
N LEU A 980 17.47 -50.69 27.79
CA LEU A 980 18.41 -51.60 27.16
C LEU A 980 19.27 -52.33 28.18
N LEU A 981 19.47 -51.75 29.36
CA LEU A 981 20.10 -52.48 30.46
C LEU A 981 19.17 -53.56 30.99
N GLU A 982 17.91 -53.21 31.24
CA GLU A 982 16.97 -54.18 31.79
C GLU A 982 16.66 -55.31 30.82
N GLY A 983 17.03 -55.18 29.55
CA GLY A 983 16.69 -56.17 28.54
C GLY A 983 15.33 -55.99 27.92
N ARG A 984 14.65 -54.88 28.22
CA ARG A 984 13.32 -54.62 27.68
C ARG A 984 13.37 -53.88 26.35
N ALA A 985 14.57 -53.65 25.80
CA ALA A 985 14.70 -52.98 24.52
C ALA A 985 15.96 -53.51 23.84
N THR A 986 16.16 -53.07 22.60
CA THR A 986 17.28 -53.50 21.79
C THR A 986 17.87 -52.30 21.08
N ASN A 987 19.16 -52.36 20.77
CA ASN A 987 19.80 -51.29 20.01
C ASN A 987 19.06 -51.00 18.72
N ARG A 988 18.68 -52.05 17.99
CA ARG A 988 17.88 -51.87 16.77
C ARG A 988 16.56 -51.21 17.08
N GLU A 989 15.82 -51.76 18.06
CA GLU A 989 14.51 -51.18 18.40
C GLU A 989 14.66 -49.75 18.90
N PHE A 990 15.66 -49.48 19.77
CA PHE A 990 15.85 -48.13 20.30
C PHE A 990 16.13 -47.13 19.19
N PHE A 991 17.03 -47.47 18.28
CA PHE A 991 17.36 -46.49 17.25
C PHE A 991 16.28 -46.37 16.19
N THR A 992 15.54 -47.44 15.88
CA THR A 992 14.40 -47.31 15.00
C THR A 992 13.37 -46.36 15.59
N VAL A 993 13.00 -46.58 16.86
CA VAL A 993 12.03 -45.73 17.52
C VAL A 993 12.54 -44.30 17.59
N LEU A 994 13.83 -44.11 17.93
CA LEU A 994 14.37 -42.78 18.06
C LEU A 994 14.35 -42.04 16.74
N MET A 995 14.90 -42.63 15.68
CA MET A 995 14.87 -41.98 14.38
C MET A 995 13.45 -41.62 13.97
N ALA A 996 12.53 -42.59 14.02
CA ALA A 996 11.16 -42.31 13.63
C ALA A 996 10.56 -41.18 14.43
N ILE A 997 10.41 -41.37 15.74
CA ILE A 997 9.73 -40.33 16.59
C ILE A 997 10.43 -38.98 16.53
N LEU A 998 11.64 -38.85 17.06
CA LEU A 998 12.33 -37.53 17.14
C LEU A 998 12.55 -36.91 15.75
N PHE A 999 13.13 -37.65 14.81
CA PHE A 999 13.49 -37.08 13.48
C PHE A 999 12.25 -36.85 12.60
N GLY A 1000 11.24 -37.70 12.72
CA GLY A 1000 9.98 -37.51 11.97
C GLY A 1000 9.25 -36.25 12.42
N CYS A 1001 9.24 -35.99 13.73
CA CYS A 1001 8.62 -34.74 14.25
C CYS A 1001 9.42 -33.53 13.76
N GLN A 1002 10.73 -33.72 13.54
CA GLN A 1002 11.55 -32.62 13.05
C GLN A 1002 11.17 -32.26 11.62
N SER A 1003 11.02 -33.26 10.76
CA SER A 1003 10.63 -33.00 9.38
C SER A 1003 9.21 -32.46 9.28
N ALA A 1004 8.30 -33.01 10.09
CA ALA A 1004 6.91 -32.56 10.08
C ALA A 1004 6.72 -31.18 10.73
N GLY A 1005 7.75 -30.66 11.39
CA GLY A 1005 7.70 -29.30 11.86
C GLY A 1005 7.93 -28.26 10.79
N GLU A 1006 8.24 -28.71 9.56
CA GLU A 1006 8.36 -27.80 8.44
C GLU A 1006 7.02 -27.25 7.99
N PHE A 1007 5.92 -27.94 8.32
CA PHE A 1007 4.60 -27.39 8.04
C PHE A 1007 4.33 -26.16 8.89
N PHE A 1008 4.82 -26.15 10.13
CA PHE A 1008 4.63 -24.99 11.00
C PHE A 1008 5.28 -23.74 10.43
N SER A 1009 6.24 -23.89 9.51
CA SER A 1009 6.76 -22.74 8.79
C SER A 1009 5.74 -22.15 7.83
N TYR A 1010 4.65 -22.86 7.56
CA TYR A 1010 3.56 -22.37 6.71
C TYR A 1010 2.37 -21.89 7.53
N ALA A 1011 2.55 -21.74 8.84
CA ALA A 1011 1.49 -21.27 9.73
C ALA A 1011 1.25 -19.77 9.60
N PRO A 1012 2.29 -18.93 9.38
CA PRO A 1012 2.01 -17.51 9.12
C PRO A 1012 1.09 -17.28 7.93
N GLY A 1013 1.19 -18.12 6.89
CA GLY A 1013 0.30 -17.97 5.76
C GLY A 1013 -1.15 -18.25 6.10
N MET A 1014 -1.39 -19.19 7.02
CA MET A 1014 -2.75 -19.63 7.29
C MET A 1014 -3.60 -18.58 8.00
N GLY A 1015 -2.98 -17.51 8.51
CA GLY A 1015 -3.75 -16.41 9.06
C GLY A 1015 -4.17 -15.47 7.96
N LYS A 1016 -3.22 -15.13 7.09
CA LYS A 1016 -3.51 -14.37 5.89
C LYS A 1016 -4.53 -15.10 5.02
N ALA A 1017 -4.34 -16.41 4.87
CA ALA A 1017 -5.23 -17.22 4.03
C ALA A 1017 -6.60 -17.43 4.65
N LYS A 1018 -6.83 -16.95 5.87
CA LYS A 1018 -8.16 -16.95 6.48
C LYS A 1018 -8.80 -15.58 6.49
N GLN A 1019 -8.02 -14.54 6.76
CA GLN A 1019 -8.54 -13.18 6.57
C GLN A 1019 -8.95 -12.96 5.12
N ALA A 1020 -8.11 -13.41 4.17
CA ALA A 1020 -8.45 -13.29 2.76
C ALA A 1020 -9.66 -14.14 2.40
N ALA A 1021 -9.80 -15.31 3.04
CA ALA A 1021 -10.98 -16.13 2.80
C ALA A 1021 -12.25 -15.42 3.25
N ILE A 1022 -12.20 -14.77 4.42
CA ILE A 1022 -13.34 -13.99 4.90
C ILE A 1022 -13.65 -12.85 3.93
N ASN A 1023 -12.60 -12.15 3.48
CA ASN A 1023 -12.80 -11.04 2.56
C ASN A 1023 -13.41 -11.50 1.24
N ILE A 1024 -12.93 -12.63 0.71
CA ILE A 1024 -13.45 -13.14 -0.56
C ILE A 1024 -14.89 -13.63 -0.38
N ARG A 1025 -15.20 -14.17 0.79
CA ARG A 1025 -16.59 -14.61 1.06
C ARG A 1025 -17.49 -13.38 1.08
N GLN A 1026 -17.03 -12.29 1.68
CA GLN A 1026 -17.83 -11.06 1.72
C GLN A 1026 -17.99 -10.47 0.32
N VAL A 1027 -16.92 -10.50 -0.49
CA VAL A 1027 -16.97 -9.90 -1.81
C VAL A 1027 -17.88 -10.70 -2.73
N LEU A 1028 -17.73 -12.04 -2.72
CA LEU A 1028 -18.49 -12.90 -3.62
C LEU A 1028 -19.96 -12.99 -3.26
N ASP A 1029 -20.34 -12.41 -2.12
CA ASP A 1029 -21.75 -12.52 -1.65
C ASP A 1029 -22.46 -11.16 -1.73
N THR A 1030 -21.71 -10.07 -1.91
CA THR A 1030 -22.33 -8.76 -2.05
C THR A 1030 -23.07 -8.67 -3.37
N ARG A 1031 -24.28 -8.10 -3.32
CA ARG A 1031 -25.10 -7.90 -4.50
C ARG A 1031 -25.74 -6.53 -4.44
N PRO A 1032 -25.94 -5.86 -5.57
CA PRO A 1032 -26.67 -4.59 -5.55
C PRO A 1032 -28.13 -4.80 -5.15
N LYS A 1033 -28.67 -3.79 -4.48
CA LYS A 1033 -30.03 -3.89 -3.92
C LYS A 1033 -31.07 -4.07 -5.01
N SER A 1034 -31.08 -3.18 -6.01
CA SER A 1034 -32.05 -3.24 -7.09
C SER A 1034 -31.42 -3.25 -8.47
N ILE A 1035 -30.39 -2.44 -8.70
CA ILE A 1035 -29.80 -2.28 -10.03
C ILE A 1035 -28.81 -3.41 -10.28
N ASP A 1036 -29.29 -4.52 -10.81
CA ASP A 1036 -28.48 -5.71 -11.03
C ASP A 1036 -28.32 -5.92 -12.53
N ILE A 1037 -27.10 -5.69 -13.04
CA ILE A 1037 -26.84 -5.86 -14.45
C ILE A 1037 -26.94 -7.32 -14.88
N GLU A 1038 -26.75 -8.26 -13.96
CA GLU A 1038 -26.75 -9.68 -14.28
C GLU A 1038 -28.03 -10.38 -13.81
N SER A 1039 -29.12 -9.65 -13.70
CA SER A 1039 -30.43 -10.23 -13.44
C SER A 1039 -31.25 -10.18 -14.73
N GLU A 1040 -31.97 -11.27 -15.01
CA GLU A 1040 -32.68 -11.42 -16.27
C GLU A 1040 -34.17 -11.19 -16.13
N ASP A 1041 -34.61 -10.63 -15.00
CA ASP A 1041 -36.02 -10.38 -14.77
C ASP A 1041 -36.37 -8.93 -15.14
N GLY A 1042 -37.52 -8.77 -15.78
CA GLY A 1042 -37.97 -7.46 -16.21
C GLY A 1042 -38.47 -7.47 -17.64
N LEU A 1043 -39.37 -6.53 -17.97
CA LEU A 1043 -39.92 -6.47 -19.30
C LEU A 1043 -38.85 -6.06 -20.31
N LYS A 1044 -38.98 -6.57 -21.53
CA LYS A 1044 -38.04 -6.26 -22.60
C LYS A 1044 -38.63 -5.20 -23.52
N ILE A 1045 -37.80 -4.23 -23.89
CA ILE A 1045 -38.25 -3.09 -24.69
C ILE A 1045 -38.32 -3.52 -26.15
N ASP A 1046 -39.52 -3.52 -26.71
CA ASP A 1046 -39.70 -3.86 -28.11
C ASP A 1046 -39.22 -2.73 -29.02
N ARG A 1047 -38.23 -3.02 -29.85
CA ARG A 1047 -37.63 -2.00 -30.71
C ARG A 1047 -38.61 -1.49 -31.75
N LEU A 1048 -39.65 -2.25 -32.09
CA LEU A 1048 -40.62 -1.81 -33.08
C LEU A 1048 -41.45 -0.65 -32.56
N ASN A 1049 -41.95 -0.76 -31.33
CA ASN A 1049 -42.83 0.25 -30.76
C ASN A 1049 -42.09 1.26 -29.89
N LEU A 1050 -40.77 1.27 -29.92
CA LEU A 1050 -40.01 2.21 -29.12
C LEU A 1050 -40.01 3.60 -29.76
N LYS A 1051 -40.32 4.61 -28.96
CA LYS A 1051 -40.33 6.00 -29.42
C LYS A 1051 -39.14 6.79 -28.92
N GLY A 1052 -38.91 6.81 -27.61
CA GLY A 1052 -37.79 7.55 -27.05
C GLY A 1052 -38.22 8.69 -26.15
N GLY A 1053 -39.39 8.54 -25.51
CA GLY A 1053 -39.89 9.59 -24.64
C GLY A 1053 -39.44 9.36 -23.21
N ILE A 1054 -38.68 10.31 -22.67
CA ILE A 1054 -38.15 10.24 -21.32
C ILE A 1054 -38.94 11.22 -20.45
N GLU A 1055 -39.41 10.74 -19.31
CA GLU A 1055 -40.20 11.56 -18.40
C GLU A 1055 -39.71 11.33 -16.99
N LEU A 1056 -39.26 12.40 -16.32
CA LEU A 1056 -38.88 12.36 -14.92
C LEU A 1056 -40.02 12.97 -14.11
N ARG A 1057 -40.81 12.12 -13.47
CA ARG A 1057 -42.04 12.52 -12.80
C ARG A 1057 -41.79 12.64 -11.30
N ASP A 1058 -41.75 13.88 -10.81
CA ASP A 1058 -41.60 14.18 -9.38
C ASP A 1058 -40.38 13.48 -8.80
N VAL A 1059 -39.25 13.63 -9.47
CA VAL A 1059 -38.03 12.92 -9.09
C VAL A 1059 -37.31 13.72 -8.00
N THR A 1060 -37.07 13.07 -6.87
CA THR A 1060 -36.28 13.63 -5.78
C THR A 1060 -35.08 12.72 -5.55
N PHE A 1061 -33.89 13.30 -5.51
CA PHE A 1061 -32.67 12.51 -5.44
C PHE A 1061 -31.62 13.20 -4.59
N ARG A 1062 -30.92 12.42 -3.77
CA ARG A 1062 -29.75 12.85 -3.02
C ARG A 1062 -28.64 11.83 -3.24
N TYR A 1063 -27.43 12.32 -3.39
CA TYR A 1063 -26.28 11.42 -3.53
C TYR A 1063 -26.05 10.69 -2.21
N PRO A 1064 -26.04 9.36 -2.20
CA PRO A 1064 -25.90 8.64 -0.91
C PRO A 1064 -24.61 8.93 -0.17
N THR A 1065 -23.56 9.36 -0.87
CA THR A 1065 -22.32 9.73 -0.19
C THR A 1065 -22.52 10.98 0.67
N ARG A 1066 -23.28 11.95 0.15
CA ARG A 1066 -23.55 13.21 0.85
C ARG A 1066 -25.06 13.40 0.89
N PRO A 1067 -25.75 12.71 1.79
CA PRO A 1067 -27.22 12.70 1.76
C PRO A 1067 -27.88 13.91 2.43
N GLU A 1068 -27.10 14.87 2.93
CA GLU A 1068 -27.69 16.08 3.49
C GLU A 1068 -27.86 17.20 2.48
N VAL A 1069 -27.33 17.03 1.26
CA VAL A 1069 -27.39 18.07 0.24
C VAL A 1069 -28.25 17.59 -0.92
N PRO A 1070 -29.53 18.04 -1.04
CA PRO A 1070 -30.39 17.65 -2.16
C PRO A 1070 -29.90 18.24 -3.49
N VAL A 1071 -29.89 17.42 -4.54
CA VAL A 1071 -29.47 17.84 -5.87
C VAL A 1071 -30.67 18.03 -6.80
N LEU A 1072 -31.66 17.16 -6.71
CA LEU A 1072 -32.90 17.30 -7.46
C LEU A 1072 -34.07 17.18 -6.50
N THR A 1073 -35.02 18.12 -6.59
CA THR A 1073 -36.16 18.17 -5.69
C THR A 1073 -37.43 18.39 -6.49
N ASP A 1074 -38.31 17.38 -6.47
CA ASP A 1074 -39.62 17.46 -7.13
C ASP A 1074 -39.49 17.85 -8.59
N LEU A 1075 -38.50 17.25 -9.26
CA LEU A 1075 -38.24 17.58 -10.65
C LEU A 1075 -39.31 16.96 -11.56
N ASN A 1076 -39.86 17.78 -12.46
CA ASN A 1076 -40.79 17.32 -13.47
C ASN A 1076 -40.24 17.70 -14.83
N LEU A 1077 -40.04 16.70 -15.69
CA LEU A 1077 -39.38 16.92 -16.97
C LEU A 1077 -39.89 15.90 -17.96
N ILE A 1078 -40.44 16.36 -19.08
CA ILE A 1078 -40.96 15.49 -20.12
C ILE A 1078 -40.23 15.82 -21.41
N ILE A 1079 -39.59 14.81 -22.01
CA ILE A 1079 -38.91 14.96 -23.29
C ILE A 1079 -39.70 14.20 -24.34
N LYS A 1080 -40.25 14.91 -25.30
CA LYS A 1080 -41.00 14.28 -26.36
C LYS A 1080 -40.07 13.50 -27.29
N PRO A 1081 -40.57 12.46 -27.95
CA PRO A 1081 -39.72 11.72 -28.90
C PRO A 1081 -39.22 12.61 -30.00
N GLY A 1082 -37.93 12.48 -30.31
CA GLY A 1082 -37.30 13.27 -31.34
C GLY A 1082 -36.88 14.66 -30.92
N GLN A 1083 -37.17 15.07 -29.68
CA GLN A 1083 -36.85 16.41 -29.22
C GLN A 1083 -35.38 16.53 -28.88
N TYR A 1084 -34.77 17.63 -29.29
CA TYR A 1084 -33.37 17.91 -28.98
C TYR A 1084 -33.31 18.84 -27.77
N VAL A 1085 -33.66 18.26 -26.62
CA VAL A 1085 -33.75 19.03 -25.38
C VAL A 1085 -32.37 19.33 -24.84
N GLY A 1086 -32.15 20.58 -24.45
CA GLY A 1086 -30.89 20.99 -23.83
C GLY A 1086 -31.13 21.49 -22.43
N LEU A 1087 -30.29 21.04 -21.48
CA LEU A 1087 -30.43 21.43 -20.06
C LEU A 1087 -29.26 22.36 -19.72
N VAL A 1088 -29.54 23.52 -19.12
CA VAL A 1088 -28.47 24.50 -18.81
C VAL A 1088 -28.67 24.97 -17.37
N GLY A 1089 -27.63 25.55 -16.77
CA GLY A 1089 -27.75 26.07 -15.40
C GLY A 1089 -26.42 26.44 -14.82
N ALA A 1090 -26.41 26.92 -13.57
CA ALA A 1090 -25.18 27.30 -12.88
C ALA A 1090 -24.59 26.08 -12.15
N SER A 1091 -23.40 26.27 -11.60
CA SER A 1091 -22.74 25.18 -10.88
C SER A 1091 -23.56 24.75 -9.68
N GLY A 1092 -23.65 23.44 -9.47
CA GLY A 1092 -24.40 22.89 -8.37
C GLY A 1092 -25.89 22.74 -8.60
N CYS A 1093 -26.38 23.11 -9.78
CA CYS A 1093 -27.81 23.01 -10.06
C CYS A 1093 -28.26 21.55 -10.11
N GLY A 1094 -27.34 20.65 -10.43
CA GLY A 1094 -27.67 19.24 -10.50
C GLY A 1094 -28.23 18.76 -11.82
N LYS A 1095 -27.93 19.47 -12.92
CA LYS A 1095 -28.42 19.03 -14.22
C LYS A 1095 -27.72 17.75 -14.68
N SER A 1096 -26.47 17.54 -14.26
CA SER A 1096 -25.74 16.35 -14.67
C SER A 1096 -26.26 15.08 -14.02
N THR A 1097 -27.09 15.20 -12.98
CA THR A 1097 -27.69 14.01 -12.37
C THR A 1097 -28.78 13.40 -13.27
N THR A 1098 -29.25 14.15 -14.26
CA THR A 1098 -30.25 13.63 -15.17
C THR A 1098 -29.70 12.43 -15.96
N VAL A 1099 -28.44 12.51 -16.38
CA VAL A 1099 -27.82 11.38 -17.07
C VAL A 1099 -27.71 10.17 -16.14
N GLY A 1100 -27.31 10.40 -14.89
CA GLY A 1100 -27.23 9.31 -13.94
C GLY A 1100 -28.57 8.65 -13.71
N LEU A 1101 -29.64 9.43 -13.70
CA LEU A 1101 -30.97 8.86 -13.50
C LEU A 1101 -31.47 8.13 -14.74
N ILE A 1102 -31.22 8.68 -15.93
CA ILE A 1102 -31.70 8.04 -17.15
C ILE A 1102 -30.94 6.75 -17.42
N GLU A 1103 -29.63 6.76 -17.22
CA GLU A 1103 -28.84 5.53 -17.37
C GLU A 1103 -29.07 4.56 -16.22
N ARG A 1104 -29.84 4.98 -15.23
CA ARG A 1104 -30.15 4.12 -14.05
C ARG A 1104 -28.85 3.81 -13.29
N PHE A 1105 -27.88 4.73 -13.28
CA PHE A 1105 -26.76 4.60 -12.35
C PHE A 1105 -27.26 4.63 -10.91
N TYR A 1106 -28.23 5.48 -10.62
CA TYR A 1106 -28.83 5.60 -9.30
C TYR A 1106 -30.34 5.54 -9.43
N ASP A 1107 -30.99 5.12 -8.36
CA ASP A 1107 -32.45 5.16 -8.42
C ASP A 1107 -32.98 6.31 -7.58
N PRO A 1108 -34.01 7.06 -8.06
CA PRO A 1108 -34.55 8.19 -7.31
C PRO A 1108 -35.26 7.74 -6.02
N GLU A 1109 -35.01 8.45 -4.94
CA GLU A 1109 -35.61 8.13 -3.65
C GLU A 1109 -37.13 8.12 -3.77
N SER A 1110 -37.69 9.21 -4.29
CA SER A 1110 -39.11 9.30 -4.59
C SER A 1110 -39.27 9.89 -5.99
N GLY A 1111 -40.01 9.20 -6.84
CA GLY A 1111 -40.19 9.65 -8.19
C GLY A 1111 -40.29 8.46 -9.13
N GLN A 1112 -40.39 8.76 -10.42
CA GLN A 1112 -40.56 7.76 -11.47
C GLN A 1112 -39.93 8.26 -12.75
N VAL A 1113 -38.86 7.60 -13.20
CA VAL A 1113 -38.28 7.85 -14.52
C VAL A 1113 -38.91 6.87 -15.50
N LEU A 1114 -39.45 7.38 -16.59
CA LEU A 1114 -40.24 6.59 -17.52
C LEU A 1114 -39.65 6.66 -18.92
N LEU A 1115 -39.71 5.54 -19.63
CA LEU A 1115 -39.34 5.47 -21.04
C LEU A 1115 -40.56 4.96 -21.80
N ASP A 1116 -41.16 5.84 -22.61
CA ASP A 1116 -42.37 5.52 -23.37
C ASP A 1116 -43.49 5.05 -22.45
N GLY A 1117 -43.60 5.69 -21.28
CA GLY A 1117 -44.66 5.39 -20.35
C GLY A 1117 -44.43 4.20 -19.45
N VAL A 1118 -43.25 3.60 -19.49
CA VAL A 1118 -42.92 2.44 -18.67
C VAL A 1118 -41.83 2.83 -17.69
N ASP A 1119 -42.07 2.57 -16.41
CA ASP A 1119 -41.07 2.84 -15.39
C ASP A 1119 -39.83 1.99 -15.63
N ILE A 1120 -38.67 2.64 -15.70
CA ILE A 1120 -37.43 1.93 -16.01
C ILE A 1120 -36.99 1.00 -14.89
N ARG A 1121 -37.56 1.14 -13.69
CA ARG A 1121 -37.30 0.17 -12.64
C ARG A 1121 -37.97 -1.18 -12.90
N ASP A 1122 -38.86 -1.25 -13.89
CA ASP A 1122 -39.51 -2.49 -14.26
C ASP A 1122 -39.06 -2.99 -15.63
N LEU A 1123 -37.98 -2.45 -16.17
CA LEU A 1123 -37.46 -2.85 -17.47
C LEU A 1123 -36.19 -3.67 -17.31
N HIS A 1124 -35.87 -4.46 -18.33
CA HIS A 1124 -34.64 -5.24 -18.34
C HIS A 1124 -33.46 -4.29 -18.48
N LEU A 1125 -32.51 -4.37 -17.54
CA LEU A 1125 -31.45 -3.37 -17.47
C LEU A 1125 -30.56 -3.39 -18.71
N ARG A 1126 -30.17 -4.58 -19.16
CA ARG A 1126 -29.24 -4.68 -20.27
C ARG A 1126 -29.85 -4.12 -21.56
N THR A 1127 -31.08 -4.53 -21.88
CA THR A 1127 -31.73 -4.02 -23.08
C THR A 1127 -32.00 -2.52 -22.98
N TYR A 1128 -32.42 -2.06 -21.79
CA TYR A 1128 -32.71 -0.64 -21.61
C TYR A 1128 -31.45 0.19 -21.85
N ARG A 1129 -30.33 -0.21 -21.23
CA ARG A 1129 -29.08 0.49 -21.49
C ARG A 1129 -28.57 0.29 -22.90
N GLU A 1130 -29.02 -0.76 -23.60
CA GLU A 1130 -28.72 -0.88 -25.01
C GLU A 1130 -29.52 0.09 -25.86
N VAL A 1131 -30.67 0.56 -25.36
CA VAL A 1131 -31.43 1.59 -26.05
C VAL A 1131 -30.68 2.92 -26.01
N LEU A 1132 -30.17 3.30 -24.84
CA LEU A 1132 -29.56 4.60 -24.65
C LEU A 1132 -28.10 4.61 -25.10
N ALA A 1133 -27.55 5.81 -25.26
CA ALA A 1133 -26.13 6.02 -25.49
C ALA A 1133 -25.69 7.22 -24.66
N LEU A 1134 -24.40 7.26 -24.36
CA LEU A 1134 -23.87 8.30 -23.49
C LEU A 1134 -22.55 8.84 -24.03
N VAL A 1135 -22.45 10.16 -24.10
CA VAL A 1135 -21.20 10.86 -24.42
C VAL A 1135 -20.86 11.71 -23.21
N GLN A 1136 -19.66 11.51 -22.67
CA GLN A 1136 -19.29 12.10 -21.40
C GLN A 1136 -18.44 13.35 -21.59
N GLN A 1137 -18.26 14.09 -20.50
CA GLN A 1137 -17.46 15.32 -20.56
C GLN A 1137 -16.00 15.01 -20.88
N GLU A 1138 -15.39 14.09 -20.15
CA GLU A 1138 -14.01 13.70 -20.39
C GLU A 1138 -14.03 12.37 -21.13
N PRO A 1139 -13.63 12.34 -22.41
CA PRO A 1139 -13.73 11.09 -23.16
C PRO A 1139 -12.81 10.02 -22.59
N VAL A 1140 -13.30 8.79 -22.56
CA VAL A 1140 -12.55 7.67 -22.03
C VAL A 1140 -12.44 6.61 -23.12
N LEU A 1141 -11.20 6.24 -23.44
CA LEU A 1141 -10.96 5.21 -24.49
C LEU A 1141 -10.18 4.05 -23.84
N PHE A 1142 -10.79 2.86 -23.76
CA PHE A 1142 -10.14 1.70 -23.15
C PHE A 1142 -8.94 1.29 -23.97
N SER A 1143 -7.98 0.64 -23.30
CA SER A 1143 -6.77 0.19 -23.98
C SER A 1143 -7.12 -0.84 -25.06
N GLY A 1144 -6.45 -0.73 -26.20
CA GLY A 1144 -6.71 -1.58 -27.34
C GLY A 1144 -6.81 -0.77 -28.61
N SER A 1145 -7.11 -1.47 -29.70
CA SER A 1145 -7.19 -0.84 -31.00
C SER A 1145 -8.40 0.09 -31.09
N ILE A 1146 -8.38 0.97 -32.09
CA ILE A 1146 -9.52 1.84 -32.35
C ILE A 1146 -10.75 1.01 -32.67
N ARG A 1147 -10.58 -0.09 -33.40
CA ARG A 1147 -11.70 -0.96 -33.72
C ARG A 1147 -12.34 -1.54 -32.46
N ASP A 1148 -11.50 -1.96 -31.51
CA ASP A 1148 -12.04 -2.52 -30.26
C ASP A 1148 -12.82 -1.47 -29.47
N ASN A 1149 -12.31 -0.25 -29.40
CA ASN A 1149 -12.96 0.79 -28.61
C ASN A 1149 -14.27 1.23 -29.24
N ILE A 1150 -14.27 1.49 -30.54
CA ILE A 1150 -15.48 1.99 -31.18
C ILE A 1150 -16.55 0.90 -31.22
N MET A 1151 -16.16 -0.37 -31.24
CA MET A 1151 -17.11 -1.46 -31.25
C MET A 1151 -17.56 -1.89 -29.85
N VAL A 1152 -17.09 -1.19 -28.81
CA VAL A 1152 -17.61 -1.43 -27.46
C VAL A 1152 -19.10 -1.17 -27.41
N GLY A 1153 -19.55 -0.11 -28.07
CA GLY A 1153 -20.96 0.23 -28.08
C GLY A 1153 -21.70 -0.34 -29.27
N SER A 1154 -21.37 -1.56 -29.65
CA SER A 1154 -22.03 -2.26 -30.75
C SER A 1154 -23.13 -3.15 -30.16
N ILE A 1155 -24.38 -2.78 -30.42
CA ILE A 1155 -25.51 -3.51 -29.83
C ILE A 1155 -25.58 -4.92 -30.37
N SER A 1156 -25.12 -5.15 -31.59
CA SER A 1156 -25.17 -6.47 -32.20
C SER A 1156 -24.12 -6.62 -33.30
N GLU A 1164 -19.57 -4.75 -39.56
CA GLU A 1164 -18.40 -3.98 -40.01
C GLU A 1164 -18.84 -2.76 -40.81
N GLU A 1165 -19.99 -2.88 -41.47
CA GLU A 1165 -20.53 -1.76 -42.24
C GLU A 1165 -20.99 -0.63 -41.32
N ASP A 1166 -21.71 -0.98 -40.25
CA ASP A 1166 -22.16 0.03 -39.29
C ASP A 1166 -20.99 0.76 -38.66
N MET A 1167 -19.89 0.07 -38.43
CA MET A 1167 -18.71 0.72 -37.85
C MET A 1167 -18.18 1.81 -38.76
N ILE A 1168 -18.03 1.52 -40.06
CA ILE A 1168 -17.55 2.52 -41.00
C ILE A 1168 -18.55 3.66 -41.12
N LYS A 1169 -19.85 3.33 -41.17
CA LYS A 1169 -20.87 4.36 -41.29
C LYS A 1169 -20.84 5.31 -40.10
N ALA A 1170 -20.68 4.77 -38.89
CA ALA A 1170 -20.64 5.62 -37.70
C ALA A 1170 -19.33 6.39 -37.59
N CYS A 1171 -18.23 5.81 -38.07
CA CYS A 1171 -16.96 6.54 -38.06
C CYS A 1171 -17.00 7.71 -39.05
N LYS A 1172 -17.68 7.55 -40.18
CA LYS A 1172 -17.84 8.67 -41.10
C LYS A 1172 -18.76 9.73 -40.52
N ASP A 1173 -19.82 9.31 -39.83
CA ASP A 1173 -20.77 10.25 -39.25
C ASP A 1173 -20.18 11.07 -38.11
N ALA A 1174 -19.07 10.61 -37.54
CA ALA A 1174 -18.44 11.31 -36.42
C ALA A 1174 -17.28 12.20 -36.85
N ASN A 1175 -17.08 12.38 -38.15
CA ASN A 1175 -16.00 13.21 -38.68
C ASN A 1175 -14.64 12.75 -38.18
N ILE A 1176 -14.46 11.44 -38.05
CA ILE A 1176 -13.21 10.85 -37.58
C ILE A 1176 -12.63 9.84 -38.57
N TYR A 1177 -13.41 9.43 -39.58
CA TYR A 1177 -12.91 8.42 -40.52
C TYR A 1177 -11.69 8.91 -41.28
N ASP A 1178 -11.67 10.19 -41.66
CA ASP A 1178 -10.52 10.74 -42.36
C ASP A 1178 -9.27 10.67 -41.51
N PHE A 1179 -9.38 11.03 -40.22
CA PHE A 1179 -8.22 10.97 -39.34
C PHE A 1179 -7.74 9.54 -39.16
N ILE A 1180 -8.67 8.59 -39.05
CA ILE A 1180 -8.29 7.18 -38.91
C ILE A 1180 -7.54 6.71 -40.15
N SER A 1181 -8.06 7.07 -41.33
CA SER A 1181 -7.38 6.70 -42.57
C SER A 1181 -6.01 7.35 -42.67
N SER A 1182 -5.86 8.54 -42.10
CA SER A 1182 -4.55 9.26 -42.12
C SER A 1182 -3.53 8.49 -41.27
N LEU A 1183 -3.98 7.74 -40.26
CA LEU A 1183 -3.03 7.03 -39.34
C LEU A 1183 -2.23 6.00 -40.14
N PRO A 1184 -0.99 5.61 -39.73
CA PRO A 1184 -0.19 4.65 -40.50
C PRO A 1184 -0.98 3.35 -40.69
N GLU A 1185 -1.61 2.84 -39.63
CA GLU A 1185 -2.46 1.63 -39.78
C GLU A 1185 -3.91 2.11 -39.85
N GLY A 1186 -4.87 1.20 -40.05
CA GLY A 1186 -6.27 1.63 -40.19
C GLY A 1186 -6.80 1.69 -38.77
N PHE A 1187 -7.84 0.90 -38.47
CA PHE A 1187 -8.55 1.03 -37.20
C PHE A 1187 -7.84 0.26 -36.09
N ASP A 1188 -6.58 -0.11 -36.28
CA ASP A 1188 -5.83 -0.91 -35.32
C ASP A 1188 -4.85 -0.10 -34.50
N THR A 1189 -4.95 1.22 -34.52
CA THR A 1189 -4.08 2.05 -33.70
C THR A 1189 -4.42 1.87 -32.23
N LEU A 1190 -3.39 1.66 -31.41
CA LEU A 1190 -3.59 1.39 -29.99
C LEU A 1190 -3.60 2.70 -29.21
N CYS A 1191 -4.81 3.17 -28.86
CA CYS A 1191 -4.97 4.35 -28.01
C CYS A 1191 -5.24 3.95 -26.56
N GLY A 1192 -4.27 3.29 -25.93
CA GLY A 1192 -4.39 2.91 -24.54
C GLY A 1192 -3.22 3.39 -23.72
N ASN A 1193 -3.49 3.88 -22.51
CA ASN A 1193 -2.46 4.48 -21.65
C ASN A 1193 -1.71 5.59 -22.39
N LYS A 1194 -2.47 6.40 -23.14
CA LYS A 1194 -1.90 7.42 -24.03
C LYS A 1194 -0.91 6.78 -25.02
N GLY A 1195 -1.37 5.75 -25.72
CA GLY A 1195 -0.53 5.10 -26.70
C GLY A 1195 -0.12 6.04 -27.82
N THR A 1196 -1.08 6.80 -28.35
CA THR A 1196 -0.83 7.78 -29.39
C THR A 1196 -1.22 9.19 -28.94
N MET A 1197 -1.86 9.31 -27.77
CA MET A 1197 -2.36 10.56 -27.19
C MET A 1197 -2.99 11.47 -28.24
N LEU A 1198 -4.05 11.01 -28.89
CA LEU A 1198 -4.77 11.84 -29.85
C LEU A 1198 -5.30 13.10 -29.18
N SER A 1199 -5.65 14.07 -30.01
CA SER A 1199 -6.21 15.32 -29.50
C SER A 1199 -7.57 15.08 -28.85
N GLY A 1200 -7.93 15.98 -27.93
CA GLY A 1200 -9.20 15.83 -27.24
C GLY A 1200 -10.38 15.79 -28.18
N GLY A 1201 -10.34 16.58 -29.24
CA GLY A 1201 -11.39 16.52 -30.24
C GLY A 1201 -11.45 15.18 -30.93
N GLN A 1202 -10.29 14.60 -31.26
CA GLN A 1202 -10.28 13.30 -31.92
C GLN A 1202 -10.81 12.20 -31.00
N LYS A 1203 -10.42 12.25 -29.72
CA LYS A 1203 -10.93 11.25 -28.74
C LYS A 1203 -12.44 11.43 -28.55
N GLN A 1204 -12.92 12.68 -28.56
CA GLN A 1204 -14.36 12.92 -28.44
C GLN A 1204 -15.11 12.42 -29.67
N ARG A 1205 -14.51 12.56 -30.85
CA ARG A 1205 -15.17 12.07 -32.09
C ARG A 1205 -15.18 10.54 -32.09
N VAL A 1206 -14.12 9.90 -31.57
CA VAL A 1206 -14.11 8.45 -31.42
C VAL A 1206 -15.22 8.00 -30.47
N ALA A 1207 -15.38 8.71 -29.35
CA ALA A 1207 -16.45 8.39 -28.41
C ALA A 1207 -17.82 8.58 -29.05
N ILE A 1208 -17.97 9.62 -29.87
CA ILE A 1208 -19.24 9.85 -30.55
C ILE A 1208 -19.55 8.70 -31.50
N ALA A 1209 -18.54 8.25 -32.26
CA ALA A 1209 -18.75 7.10 -33.15
C ALA A 1209 -19.11 5.85 -32.35
N ARG A 1210 -18.46 5.65 -31.21
CA ARG A 1210 -18.78 4.52 -30.34
C ARG A 1210 -20.23 4.57 -29.89
N ALA A 1211 -20.71 5.76 -29.50
CA ALA A 1211 -22.11 5.89 -29.12
C ALA A 1211 -23.04 5.76 -30.31
N LEU A 1212 -22.54 6.02 -31.52
CA LEU A 1212 -23.40 6.06 -32.70
C LEU A 1212 -23.52 4.73 -33.42
N ILE A 1213 -22.62 3.77 -33.17
CA ILE A 1213 -22.75 2.47 -33.84
C ILE A 1213 -24.08 1.81 -33.47
N ARG A 1214 -24.45 1.84 -32.19
CA ARG A 1214 -25.65 1.15 -31.76
C ARG A 1214 -26.93 1.77 -32.31
N ASN A 1215 -26.85 2.97 -32.92
CA ASN A 1215 -28.01 3.69 -33.40
C ASN A 1215 -29.00 3.89 -32.25
N PRO A 1216 -28.65 4.68 -31.24
CA PRO A 1216 -29.51 4.80 -30.06
C PRO A 1216 -30.79 5.56 -30.34
N ARG A 1217 -31.78 5.28 -29.51
CA ARG A 1217 -33.03 6.06 -29.54
C ARG A 1217 -32.99 7.26 -28.61
N VAL A 1218 -32.04 7.30 -27.67
CA VAL A 1218 -31.88 8.41 -26.74
C VAL A 1218 -30.37 8.66 -26.60
N LEU A 1219 -29.90 9.76 -27.17
CA LEU A 1219 -28.48 10.12 -27.09
C LEU A 1219 -28.31 11.16 -25.99
N LEU A 1220 -27.48 10.83 -25.00
CA LEU A 1220 -27.20 11.72 -23.89
C LEU A 1220 -25.80 12.31 -24.06
N LEU A 1221 -25.72 13.64 -24.04
CA LEU A 1221 -24.46 14.36 -24.20
C LEU A 1221 -24.19 15.13 -22.90
N ASP A 1222 -23.42 14.54 -22.00
CA ASP A 1222 -23.16 15.13 -20.69
C ASP A 1222 -21.94 16.04 -20.79
N GLU A 1223 -22.17 17.26 -21.28
CA GLU A 1223 -21.13 18.29 -21.40
C GLU A 1223 -19.97 17.79 -22.25
N ALA A 1224 -20.30 17.36 -23.47
CA ALA A 1224 -19.31 16.70 -24.32
C ALA A 1224 -18.16 17.63 -24.68
N THR A 1225 -18.45 18.90 -24.92
CA THR A 1225 -17.46 19.85 -25.45
C THR A 1225 -16.91 20.78 -24.38
N SER A 1226 -16.84 20.32 -23.13
CA SER A 1226 -16.35 21.18 -22.06
C SER A 1226 -14.84 21.32 -22.09
N ALA A 1227 -14.13 20.25 -22.46
CA ALA A 1227 -12.67 20.23 -22.41
C ALA A 1227 -12.03 20.23 -23.79
N LEU A 1228 -12.56 21.00 -24.72
CA LEU A 1228 -12.04 21.03 -26.08
C LEU A 1228 -11.59 22.43 -26.46
N ASP A 1229 -10.59 22.49 -27.35
CA ASP A 1229 -10.13 23.76 -27.88
C ASP A 1229 -11.17 24.34 -28.83
N SER A 1230 -11.11 25.66 -29.00
CA SER A 1230 -12.09 26.34 -29.84
C SER A 1230 -12.00 25.90 -31.30
N GLU A 1231 -10.82 25.46 -31.73
CA GLU A 1231 -10.68 24.99 -33.11
C GLU A 1231 -11.30 23.61 -33.29
N SER A 1232 -11.08 22.70 -32.34
CA SER A 1232 -11.66 21.38 -32.42
C SER A 1232 -13.12 21.35 -31.99
N GLU A 1233 -13.54 22.32 -31.17
CA GLU A 1233 -14.94 22.38 -30.76
C GLU A 1233 -15.86 22.55 -31.95
N MET A 1234 -15.41 23.22 -33.00
CA MET A 1234 -16.23 23.40 -34.19
C MET A 1234 -16.59 22.06 -34.82
N VAL A 1235 -15.58 21.22 -35.09
CA VAL A 1235 -15.84 19.94 -35.73
C VAL A 1235 -16.59 19.00 -34.78
N VAL A 1236 -16.25 19.04 -33.48
CA VAL A 1236 -16.96 18.18 -32.53
C VAL A 1236 -18.44 18.56 -32.46
N GLN A 1237 -18.74 19.86 -32.44
CA GLN A 1237 -20.13 20.30 -32.42
C GLN A 1237 -20.83 20.00 -33.74
N ASP A 1238 -20.11 20.04 -34.85
CA ASP A 1238 -20.69 19.63 -36.13
C ASP A 1238 -21.10 18.16 -36.07
N ALA A 1239 -20.22 17.32 -35.53
CA ALA A 1239 -20.54 15.89 -35.39
C ALA A 1239 -21.74 15.69 -34.47
N ILE A 1240 -21.77 16.43 -33.36
CA ILE A 1240 -22.89 16.30 -32.41
C ILE A 1240 -24.19 16.72 -33.05
N ASP A 1241 -24.19 17.83 -33.81
CA ASP A 1241 -25.39 18.30 -34.47
C ASP A 1241 -25.85 17.30 -35.53
N LYS A 1242 -24.89 16.69 -36.25
CA LYS A 1242 -25.24 15.68 -37.27
C LYS A 1242 -25.88 14.47 -36.57
N ALA A 1243 -25.32 14.06 -35.43
CA ALA A 1243 -25.83 12.88 -34.73
C ALA A 1243 -27.17 13.14 -34.06
N SER A 1244 -27.45 14.39 -33.69
CA SER A 1244 -28.67 14.70 -32.95
C SER A 1244 -29.93 14.60 -33.80
N LYS A 1245 -29.81 14.43 -35.11
CA LYS A 1245 -30.96 14.38 -36.01
C LYS A 1245 -31.51 12.97 -36.07
N GLY A 1246 -32.79 12.81 -35.76
CA GLY A 1246 -33.46 11.54 -35.85
C GLY A 1246 -33.63 10.76 -34.57
N ARG A 1247 -33.23 11.33 -33.43
CA ARG A 1247 -33.33 10.62 -32.16
C ARG A 1247 -33.50 11.62 -31.03
N THR A 1248 -34.03 11.14 -29.91
CA THR A 1248 -34.10 11.95 -28.71
C THR A 1248 -32.70 12.30 -28.24
N THR A 1249 -32.49 13.56 -27.87
CA THR A 1249 -31.18 14.06 -27.49
C THR A 1249 -31.32 14.98 -26.29
N ILE A 1250 -30.74 14.58 -25.16
CA ILE A 1250 -30.67 15.41 -23.97
C ILE A 1250 -29.24 15.93 -23.86
N THR A 1251 -29.08 17.25 -23.91
CA THR A 1251 -27.77 17.89 -23.96
C THR A 1251 -27.58 18.75 -22.72
N ILE A 1252 -26.80 18.27 -21.77
CA ILE A 1252 -26.33 19.11 -20.68
C ILE A 1252 -25.18 19.97 -21.17
N ALA A 1253 -25.29 21.28 -20.97
CA ALA A 1253 -24.37 22.23 -21.57
C ALA A 1253 -23.75 23.13 -20.51
N HIS A 1254 -22.45 23.37 -20.65
CA HIS A 1254 -21.73 24.38 -19.87
C HIS A 1254 -21.57 25.66 -20.66
N ARG A 1255 -21.15 25.56 -21.92
CA ARG A 1255 -21.09 26.70 -22.83
C ARG A 1255 -22.45 26.83 -23.50
N LEU A 1256 -23.07 28.00 -23.36
CA LEU A 1256 -24.43 28.23 -23.84
C LEU A 1256 -24.54 28.25 -25.36
N SER A 1257 -23.42 28.21 -26.09
CA SER A 1257 -23.48 28.19 -27.55
C SER A 1257 -23.89 26.82 -28.08
N THR A 1258 -23.59 25.74 -27.35
CA THR A 1258 -23.98 24.42 -27.80
C THR A 1258 -25.50 24.25 -27.77
N VAL A 1259 -26.14 24.84 -26.76
CA VAL A 1259 -27.62 24.67 -26.56
C VAL A 1259 -28.40 25.69 -27.40
N GLN A 1260 -27.70 26.52 -28.19
CA GLN A 1260 -28.39 27.61 -28.93
C GLN A 1260 -29.54 27.09 -29.82
N ASN A 1261 -29.33 26.01 -30.58
CA ASN A 1261 -30.35 25.57 -31.52
C ASN A 1261 -31.24 24.46 -30.98
N CYS A 1262 -31.17 24.17 -29.68
CA CYS A 1262 -32.00 23.12 -29.11
C CYS A 1262 -33.47 23.51 -29.18
N ASP A 1263 -34.33 22.49 -29.34
CA ASP A 1263 -35.76 22.73 -29.46
C ASP A 1263 -36.33 23.36 -28.20
N VAL A 1264 -35.99 22.81 -27.04
CA VAL A 1264 -36.45 23.32 -25.75
C VAL A 1264 -35.26 23.38 -24.81
N ILE A 1265 -35.15 24.48 -24.07
CA ILE A 1265 -34.05 24.70 -23.14
C ILE A 1265 -34.62 24.78 -21.74
N TYR A 1266 -34.07 23.99 -20.82
CA TYR A 1266 -34.57 23.97 -19.42
C TYR A 1266 -33.50 24.52 -18.49
N VAL A 1267 -33.82 25.59 -17.75
CA VAL A 1267 -32.83 26.22 -16.82
C VAL A 1267 -32.99 25.60 -15.43
N PHE A 1268 -31.88 25.21 -14.80
CA PHE A 1268 -31.89 24.59 -13.49
C PHE A 1268 -31.43 25.58 -12.42
N ASP A 1269 -32.14 25.62 -11.30
CA ASP A 1269 -31.71 26.38 -10.14
C ASP A 1269 -32.21 25.67 -8.90
N ALA A 1270 -31.29 25.33 -8.00
CA ALA A 1270 -31.59 24.59 -6.77
C ALA A 1270 -32.28 23.26 -7.08
N GLY A 1271 -31.97 22.67 -8.22
CA GLY A 1271 -32.50 21.37 -8.60
C GLY A 1271 -33.88 21.39 -9.20
N ARG A 1272 -34.48 22.55 -9.41
CA ARG A 1272 -35.82 22.66 -9.98
C ARG A 1272 -35.78 23.50 -11.24
N ILE A 1273 -36.66 23.15 -12.18
CA ILE A 1273 -36.77 23.91 -13.42
C ILE A 1273 -37.32 25.29 -13.12
N VAL A 1274 -36.61 26.32 -13.57
CA VAL A 1274 -37.02 27.70 -13.38
C VAL A 1274 -37.61 28.30 -14.64
N GLU A 1275 -36.91 28.17 -15.77
CA GLU A 1275 -37.38 28.66 -17.05
C GLU A 1275 -37.34 27.53 -18.06
N SER A 1276 -38.19 27.63 -19.08
CA SER A 1276 -38.27 26.62 -20.11
C SER A 1276 -38.83 27.24 -21.37
N GLY A 1277 -38.32 26.82 -22.52
CA GLY A 1277 -38.74 27.33 -23.81
C GLY A 1277 -37.56 27.44 -24.73
N LYS A 1278 -37.81 28.06 -25.89
CA LYS A 1278 -36.77 28.25 -26.88
C LYS A 1278 -35.76 29.30 -26.44
N HIS A 1279 -34.75 29.52 -27.28
CA HIS A 1279 -33.73 30.52 -26.99
C HIS A 1279 -34.32 31.92 -26.91
N ASP A 1280 -35.12 32.29 -27.90
CA ASP A 1280 -35.64 33.65 -27.98
C ASP A 1280 -36.58 33.96 -26.82
N GLU A 1281 -37.44 33.01 -26.46
CA GLU A 1281 -38.35 33.24 -25.34
C GLU A 1281 -37.61 33.42 -24.03
N LEU A 1282 -36.59 32.61 -23.77
CA LEU A 1282 -35.79 32.76 -22.56
C LEU A 1282 -35.06 34.09 -22.56
N LEU A 1283 -34.55 34.52 -23.72
CA LEU A 1283 -33.91 35.83 -23.79
C LEU A 1283 -34.89 36.96 -23.48
N GLN A 1284 -36.12 36.85 -24.01
CA GLN A 1284 -37.12 37.88 -23.74
C GLN A 1284 -37.52 37.92 -22.27
N LEU A 1285 -37.61 36.75 -21.63
CA LEU A 1285 -38.00 36.71 -20.23
C LEU A 1285 -36.99 37.43 -19.33
N ARG A 1286 -35.78 37.67 -19.80
CA ARG A 1286 -34.80 38.49 -19.10
C ARG A 1286 -34.52 37.95 -17.70
N GLY A 1287 -34.48 36.62 -17.58
CA GLY A 1287 -34.31 35.99 -16.28
C GLY A 1287 -32.94 35.39 -16.06
N LYS A 1288 -32.90 34.15 -15.53
CA LYS A 1288 -31.61 33.52 -15.26
C LYS A 1288 -30.87 33.18 -16.54
N TYR A 1289 -31.58 32.83 -17.61
CA TYR A 1289 -30.92 32.50 -18.86
C TYR A 1289 -30.21 33.72 -19.44
N TYR A 1290 -30.83 34.89 -19.33
CA TYR A 1290 -30.17 36.12 -19.74
C TYR A 1290 -28.91 36.36 -18.93
N ASP A 1291 -28.98 36.12 -17.61
CA ASP A 1291 -27.80 36.27 -16.78
C ASP A 1291 -26.69 35.32 -17.21
N LEU A 1292 -27.05 34.07 -17.52
CA LEU A 1292 -26.05 33.10 -17.94
C LEU A 1292 -25.40 33.49 -19.27
N VAL A 1293 -26.20 33.93 -20.24
CA VAL A 1293 -25.62 34.30 -21.53
C VAL A 1293 -24.79 35.56 -21.41
N GLN A 1294 -25.21 36.50 -20.56
CA GLN A 1294 -24.40 37.69 -20.31
C GLN A 1294 -23.08 37.33 -19.66
N LEU A 1295 -23.10 36.38 -18.71
CA LEU A 1295 -21.87 35.94 -18.07
C LEU A 1295 -20.95 35.26 -19.07
N GLN A 1296 -21.52 34.44 -19.97
CA GLN A 1296 -20.71 33.82 -21.01
C GLN A 1296 -20.09 34.87 -21.93
N GLY A 1297 -20.85 35.91 -22.26
CA GLY A 1297 -20.29 36.98 -23.08
C GLY A 1297 -19.18 37.72 -22.38
N LEU A 1298 -19.35 37.99 -21.09
CA LEU A 1298 -18.33 38.73 -20.34
C LEU A 1298 -17.06 37.90 -20.16
N ASN A 1299 -17.21 36.59 -19.93
CA ASN A 1299 -16.04 35.74 -19.72
C ASN A 1299 -15.13 35.72 -20.94
N ALA A 1300 -15.73 35.62 -22.13
CA ALA A 1300 -14.98 35.60 -23.39
C ALA A 1300 -13.91 34.52 -23.42
C01 9Z9 B . 18.47 -22.11 -0.19
C02 9Z9 B . 18.12 -22.75 -1.55
C03 9Z9 B . 18.66 -24.20 -1.65
C04 9Z9 B . 17.55 -25.09 -1.06
C05 9Z9 B . 16.38 -24.17 -0.69
C06 9Z9 B . 16.60 -23.02 -1.68
C07 9Z9 B . 15.72 -21.77 -1.64
C08 9Z9 B . 16.16 -20.85 -2.79
C09 9Z9 B . 17.68 -20.55 -2.72
C10 9Z9 B . 18.53 -21.82 -2.69
C11 9Z9 B . 15.30 -19.57 -2.94
C12 9Z9 B . 15.54 -18.56 -1.80
C13 9Z9 B . 13.82 -19.97 -2.91
C14 9Z9 B . 13.40 -21.13 -2.45
C15 9Z9 B . 14.26 -22.16 -1.78
C16 9Z9 B . 12.84 -18.94 -3.44
C17 9Z9 B . 13.23 -18.49 -4.83
C18 9Z9 B . 14.60 -17.88 -4.77
C19 9Z9 B . 15.63 -18.92 -4.30
O20 9Z9 B . 12.25 -17.58 -5.31
C21 9Z9 B . 11.59 -16.85 -4.27
C22 9Z9 B . 10.18 -16.59 -4.73
C23 9Z9 B . 9.26 -16.21 -3.58
C24 9Z9 B . 9.48 -17.10 -2.36
O25 9Z9 B . 9.14 -18.43 -2.68
C26 9Z9 B . 9.39 -19.31 -1.60
C48 9Z9 B . 9.38 -14.74 -3.22
O49 9Z9 B . 8.26 -14.37 -2.44
C50 9Z9 B . 8.24 -12.98 -2.16
O72 9Z9 B . 18.13 -25.73 0.09
C73 9Z9 B . 19.51 -25.92 -0.22
C74 9Z9 B . 19.93 -24.61 -0.87
C75 9Z9 B . 21.21 -24.66 -1.69
C76 9Z9 B . 20.24 -26.26 1.07
C77 9Z9 B . 19.85 -27.63 1.59
C78 9Z9 B . 20.08 -28.69 0.51
C79 9Z9 B . 19.31 -28.26 -0.71
O80 9Z9 B . 19.68 -26.96 -1.18
C81 9Z9 B . 19.66 -30.08 0.97
#